data_8BG5
#
_entry.id   8BG5
#
_cell.length_a   90.075
_cell.length_b   90.813
_cell.length_c   154.383
_cell.angle_alpha   90.000
_cell.angle_beta   90.000
_cell.angle_gamma   90.000
#
_symmetry.space_group_name_H-M   'P 21 21 21'
#
loop_
_entity.id
_entity.type
_entity.pdbx_description
1 polymer 'pT1631 single-chain Fv'
2 polymer 'Spike protein S1'
3 non-polymer 2-acetamido-2-deoxy-beta-D-glucopyranose
4 water water
#
loop_
_entity_poly.entity_id
_entity_poly.type
_entity_poly.pdbx_seq_one_letter_code
_entity_poly.pdbx_strand_id
1 'polypeptide(L)'
;EVQLVESGGGLIQPGGSLRLSCAASEIIVSSNYMSWVRQAPGKGLEWVSVLYPGGSTFYADSVKGRFTISRDNSRNTLYL
HMKSPRAEDTAVYYCTRALWEGATFDYWGQGTLVTVSSGTGGSGGGGSGGGGSGGGGDIQLTQSPSFLSASVGDRITITC
RASQGISSYLAWYQQKPGKAPKLLIYAASTLQSGVPSRFSGSGSGTEFTLTISSLQPEDFATYYCQHVNSFPGPYTFGQG
TKLEIKDDDDKAGWSHPQFEKGGGSGGGSGGGSWSHPQFEK
;
A,C
2 'polypeptide(L)'
;NLCPFGEVFNATRFASVYAWNRKRISNCVADYSVLYNSASFSTFKCYGVSPTKLNDLCFTNVYADSFVIRGDEVRQIAPG
QTGKIADYNYKLPDDFTGCVIAWNSNNLDSKVGGNYNYLYRLFRKSNLKPFERDISTEIYQAGSTPCNGVEGFNCYFPLQ
SYGFQPTNGVGYQPYRVVVLSFELLHAPATVCGPDDDDKAGWSHPQFEKGGGSGGGSGGGSWSHPQFEK
;
B,D
#
loop_
_chem_comp.id
_chem_comp.type
_chem_comp.name
_chem_comp.formula
NAG D-saccharide, beta linking 2-acetamido-2-deoxy-beta-D-glucopyranose 'C8 H15 N O6'
#
# COMPACT_ATOMS: atom_id res chain seq x y z
N VAL A 2 23.13 26.73 -11.72
CA VAL A 2 23.79 27.61 -10.78
C VAL A 2 22.76 28.21 -9.82
N GLN A 3 21.53 28.51 -10.25
CA GLN A 3 20.56 28.99 -9.27
C GLN A 3 19.11 28.84 -9.76
N LEU A 4 18.21 28.72 -8.77
CA LEU A 4 16.77 28.73 -8.93
C LEU A 4 16.23 29.81 -8.01
N VAL A 5 15.42 30.73 -8.52
CA VAL A 5 14.97 31.89 -7.75
C VAL A 5 13.46 32.01 -7.87
N GLU A 6 12.74 31.76 -6.76
CA GLU A 6 11.30 31.83 -6.76
C GLU A 6 10.82 33.26 -6.57
N SER A 7 9.63 33.55 -7.10
CA SER A 7 8.99 34.83 -6.87
C SER A 7 7.48 34.63 -7.01
N GLY A 8 6.73 35.67 -6.67
CA GLY A 8 5.29 35.65 -6.82
C GLY A 8 4.50 35.21 -5.60
N GLY A 9 5.16 34.90 -4.49
CA GLY A 9 4.46 34.54 -3.27
C GLY A 9 3.85 35.76 -2.60
N GLY A 10 3.16 35.51 -1.50
CA GLY A 10 2.54 36.60 -0.77
C GLY A 10 1.46 36.11 0.16
N LEU A 11 0.74 37.07 0.75
CA LEU A 11 -0.38 36.83 1.65
C LEU A 11 -1.66 37.27 0.95
N ILE A 12 -2.56 36.31 0.69
CA ILE A 12 -3.77 36.55 -0.08
C ILE A 12 -4.98 36.09 0.73
N GLN A 13 -6.12 36.72 0.47
CA GLN A 13 -7.38 36.17 0.94
C GLN A 13 -7.81 35.02 0.04
N PRO A 14 -8.63 34.10 0.53
CA PRO A 14 -9.09 33.00 -0.32
C PRO A 14 -10.07 33.51 -1.35
N GLY A 15 -10.36 32.65 -2.32
CA GLY A 15 -11.27 33.02 -3.39
C GLY A 15 -10.61 33.70 -4.57
N GLY A 16 -9.28 33.63 -4.66
CA GLY A 16 -8.58 34.24 -5.78
C GLY A 16 -7.81 33.22 -6.58
N SER A 17 -6.67 33.64 -7.16
CA SER A 17 -5.68 32.75 -7.73
C SER A 17 -4.32 33.38 -7.53
N LEU A 18 -3.29 32.54 -7.63
CA LEU A 18 -1.90 32.93 -7.46
C LEU A 18 -1.06 32.14 -8.45
N ARG A 19 0.03 32.76 -8.92
CA ARG A 19 0.98 32.09 -9.80
C ARG A 19 2.37 32.34 -9.26
N LEU A 20 3.06 31.28 -8.85
CA LEU A 20 4.45 31.38 -8.48
C LEU A 20 5.31 31.17 -9.72
N SER A 21 6.48 31.79 -9.72
CA SER A 21 7.42 31.62 -10.81
C SER A 21 8.76 31.23 -10.20
N CYS A 22 9.56 30.53 -11.00
CA CYS A 22 10.90 30.14 -10.58
C CYS A 22 11.81 30.30 -11.79
N ALA A 23 12.71 31.27 -11.74
CA ALA A 23 13.60 31.58 -12.84
C ALA A 23 14.91 30.84 -12.64
N ALA A 24 15.32 30.07 -13.64
CA ALA A 24 16.51 29.24 -13.51
C ALA A 24 17.69 29.87 -14.25
N SER A 25 18.89 29.55 -13.78
CA SER A 25 20.12 29.90 -14.48
C SER A 25 21.00 28.66 -14.62
N GLU A 26 21.55 28.49 -15.82
CA GLU A 26 22.43 27.38 -16.20
C GLU A 26 21.66 26.07 -16.27
N ILE A 27 20.83 25.79 -15.28
CA ILE A 27 19.83 24.72 -15.42
C ILE A 27 18.83 25.14 -16.48
N ILE A 28 18.51 24.23 -17.40
CA ILE A 28 17.47 24.49 -18.41
C ILE A 28 16.20 23.78 -17.96
N VAL A 29 15.16 24.56 -17.66
CA VAL A 29 13.92 24.03 -17.10
C VAL A 29 13.36 22.93 -17.99
N SER A 30 13.26 23.20 -19.29
CA SER A 30 12.56 22.28 -20.18
C SER A 30 13.33 20.98 -20.42
N SER A 31 14.60 20.91 -20.02
CA SER A 31 15.41 19.70 -20.13
C SER A 31 15.42 18.86 -18.85
N ASN A 32 14.74 19.30 -17.79
CA ASN A 32 14.91 18.67 -16.48
C ASN A 32 13.55 18.29 -15.91
N TYR A 33 13.59 17.29 -15.03
CA TYR A 33 12.51 17.01 -14.08
C TYR A 33 12.46 18.13 -13.06
N MET A 34 11.50 19.06 -13.22
CA MET A 34 11.39 20.24 -12.37
C MET A 34 10.16 20.14 -11.49
N SER A 35 10.29 20.54 -10.22
CA SER A 35 9.22 20.30 -9.25
C SER A 35 8.99 21.51 -8.35
N TRP A 36 7.86 21.44 -7.64
CA TRP A 36 7.57 22.29 -6.50
C TRP A 36 7.43 21.38 -5.28
N VAL A 37 8.13 21.74 -4.21
CA VAL A 37 8.04 21.07 -2.93
C VAL A 37 7.66 22.13 -1.89
N ARG A 38 6.68 21.83 -1.05
CA ARG A 38 6.24 22.83 -0.11
C ARG A 38 6.39 22.34 1.34
N GLN A 39 6.38 23.29 2.25
CA GLN A 39 6.59 23.04 3.68
C GLN A 39 5.70 23.99 4.45
N ALA A 40 4.67 23.46 5.09
CA ALA A 40 3.86 24.30 5.95
C ALA A 40 4.65 24.69 7.20
N PRO A 41 4.32 25.81 7.83
CA PRO A 41 5.10 26.27 9.00
C PRO A 41 5.15 25.20 10.09
N GLY A 42 6.37 24.83 10.48
CA GLY A 42 6.56 23.83 11.51
C GLY A 42 6.37 22.39 11.07
N LYS A 43 6.04 22.13 9.82
CA LYS A 43 5.75 20.78 9.36
C LYS A 43 6.84 20.27 8.42
N GLY A 44 6.59 19.11 7.81
CA GLY A 44 7.57 18.46 6.96
C GLY A 44 7.46 18.92 5.52
N LEU A 45 8.14 18.18 4.65
CA LEU A 45 8.19 18.48 3.22
C LEU A 45 7.15 17.67 2.46
N GLU A 46 6.55 18.29 1.44
CA GLU A 46 5.56 17.62 0.61
C GLU A 46 5.86 17.94 -0.86
N TRP A 47 6.13 16.90 -1.64
CA TRP A 47 6.28 17.03 -3.08
C TRP A 47 4.93 17.30 -3.72
N VAL A 48 4.80 18.43 -4.42
CA VAL A 48 3.50 18.92 -4.86
C VAL A 48 3.23 18.56 -6.32
N SER A 49 4.23 18.74 -7.17
CA SER A 49 4.03 18.54 -8.59
C SER A 49 5.39 18.43 -9.25
N VAL A 50 5.41 17.78 -10.41
CA VAL A 50 6.64 17.64 -11.18
C VAL A 50 6.28 17.79 -12.65
N LEU A 51 7.16 18.42 -13.39
CA LEU A 51 7.02 18.57 -14.83
C LEU A 51 8.21 17.88 -15.49
N TYR A 52 7.92 16.86 -16.31
CA TYR A 52 8.96 16.07 -16.97
C TYR A 52 9.56 16.85 -18.12
N PRO A 53 10.77 16.51 -18.56
CA PRO A 53 11.33 17.18 -19.75
C PRO A 53 10.41 17.13 -20.96
N GLY A 54 9.79 15.99 -21.21
CA GLY A 54 8.89 15.83 -22.35
C GLY A 54 7.51 16.42 -22.17
N GLY A 55 7.19 16.93 -20.98
CA GLY A 55 5.97 17.68 -20.76
C GLY A 55 4.91 17.02 -19.91
N SER A 56 5.04 15.72 -19.59
CA SER A 56 4.09 15.10 -18.66
C SER A 56 4.15 15.79 -17.30
N THR A 57 2.98 15.91 -16.66
CA THR A 57 2.83 16.52 -15.35
C THR A 57 2.19 15.52 -14.39
N PHE A 58 2.60 15.58 -13.13
CA PHE A 58 2.05 14.74 -12.08
C PHE A 58 1.89 15.55 -10.81
N TYR A 59 0.85 15.25 -10.04
CA TYR A 59 0.47 16.08 -8.90
C TYR A 59 0.16 15.21 -7.68
N ALA A 60 0.49 15.74 -6.50
CA ALA A 60 0.03 15.10 -5.27
C ALA A 60 -1.48 15.17 -5.20
N ASP A 61 -2.08 14.16 -4.54
CA ASP A 61 -3.53 14.14 -4.41
C ASP A 61 -4.06 15.36 -3.66
N SER A 62 -3.24 15.95 -2.79
CA SER A 62 -3.70 17.09 -2.00
C SER A 62 -3.93 18.34 -2.86
N VAL A 63 -3.35 18.41 -4.05
CA VAL A 63 -3.48 19.59 -4.90
C VAL A 63 -4.03 19.28 -6.28
N LYS A 64 -4.21 18.00 -6.63
CA LYS A 64 -4.68 17.66 -7.98
C LYS A 64 -6.03 18.32 -8.26
N GLY A 65 -6.14 18.95 -9.43
CA GLY A 65 -7.35 19.66 -9.79
C GLY A 65 -7.36 21.13 -9.40
N ARG A 66 -6.46 21.55 -8.52
CA ARG A 66 -6.40 22.93 -8.07
C ARG A 66 -5.10 23.64 -8.46
N PHE A 67 -3.99 22.92 -8.55
CA PHE A 67 -2.71 23.48 -8.95
C PHE A 67 -2.33 22.96 -10.33
N THR A 68 -1.59 23.78 -11.06
CA THR A 68 -1.07 23.40 -12.35
C THR A 68 0.38 23.85 -12.44
N ILE A 69 1.25 22.99 -12.94
CA ILE A 69 2.65 23.31 -13.12
C ILE A 69 2.89 23.50 -14.62
N SER A 70 3.71 24.48 -14.97
CA SER A 70 4.02 24.73 -16.38
C SER A 70 5.38 25.41 -16.48
N ARG A 71 5.77 25.74 -17.71
CA ARG A 71 7.08 26.33 -17.93
C ARG A 71 7.02 27.21 -19.17
N ASP A 72 7.94 28.16 -19.23
CA ASP A 72 8.11 29.05 -20.38
C ASP A 72 9.56 28.91 -20.82
N ASN A 73 9.76 28.24 -21.96
CA ASN A 73 11.10 27.89 -22.37
C ASN A 73 11.92 29.14 -22.70
N SER A 74 11.27 30.15 -23.28
CA SER A 74 12.00 31.37 -23.68
C SER A 74 12.45 32.19 -22.47
N ARG A 75 11.78 32.04 -21.32
CA ARG A 75 12.20 32.74 -20.12
C ARG A 75 12.93 31.81 -19.15
N ASN A 76 13.14 30.55 -19.54
CA ASN A 76 13.75 29.54 -18.69
C ASN A 76 13.16 29.59 -17.28
N THR A 77 11.83 29.49 -17.21
CA THR A 77 11.09 29.71 -15.98
C THR A 77 10.05 28.63 -15.77
N LEU A 78 9.92 28.17 -14.53
CA LEU A 78 8.89 27.25 -14.09
C LEU A 78 7.83 28.03 -13.35
N TYR A 79 6.56 27.61 -13.49
CA TYR A 79 5.45 28.27 -12.82
C TYR A 79 4.65 27.26 -12.01
N LEU A 80 4.03 27.73 -10.94
CA LEU A 80 3.02 26.97 -10.24
C LEU A 80 1.77 27.85 -10.18
N HIS A 81 0.73 27.44 -10.89
CA HIS A 81 -0.51 28.19 -10.93
C HIS A 81 -1.41 27.62 -9.85
N MET A 82 -1.68 28.41 -8.82
CA MET A 82 -2.50 27.99 -7.70
C MET A 82 -3.89 28.57 -7.94
N LYS A 83 -4.82 27.73 -8.38
CA LYS A 83 -6.21 28.14 -8.57
C LYS A 83 -7.03 27.70 -7.36
N SER A 84 -7.96 28.55 -6.95
CA SER A 84 -8.68 28.36 -5.68
C SER A 84 -7.71 27.91 -4.59
N PRO A 85 -6.88 28.81 -4.07
CA PRO A 85 -6.04 28.44 -2.92
C PRO A 85 -6.83 28.48 -1.62
N ARG A 86 -6.48 27.55 -0.74
CA ARG A 86 -7.14 27.40 0.54
C ARG A 86 -6.13 27.67 1.65
N ALA A 87 -6.64 27.89 2.87
CA ALA A 87 -5.77 28.12 4.02
C ALA A 87 -4.74 27.00 4.19
N GLU A 88 -5.13 25.76 3.95
CA GLU A 88 -4.18 24.64 4.13
C GLU A 88 -3.12 24.58 3.05
N ASP A 89 -3.15 25.46 2.06
CA ASP A 89 -2.04 25.61 1.13
C ASP A 89 -0.95 26.52 1.65
N THR A 90 -1.13 27.11 2.82
CA THR A 90 -0.13 28.01 3.38
C THR A 90 1.16 27.24 3.64
N ALA A 91 2.27 27.76 3.11
CA ALA A 91 3.55 27.04 3.14
C ALA A 91 4.60 27.88 2.43
N VAL A 92 5.86 27.52 2.68
CA VAL A 92 6.96 27.96 1.84
C VAL A 92 7.04 27.01 0.65
N TYR A 93 7.12 27.58 -0.56
CA TYR A 93 7.10 26.80 -1.78
C TYR A 93 8.50 26.82 -2.39
N TYR A 94 9.10 25.64 -2.54
CA TYR A 94 10.43 25.50 -3.11
C TYR A 94 10.33 24.99 -4.54
N CYS A 95 11.09 25.62 -5.43
CA CYS A 95 11.35 25.13 -6.76
C CYS A 95 12.55 24.20 -6.69
N THR A 96 12.49 23.05 -7.36
CA THR A 96 13.62 22.13 -7.32
C THR A 96 13.88 21.52 -8.69
N ARG A 97 15.13 21.09 -8.91
CA ARG A 97 15.52 20.22 -10.01
C ARG A 97 15.78 18.83 -9.45
N ALA A 98 15.27 17.80 -10.13
CA ALA A 98 15.47 16.41 -9.70
C ALA A 98 16.43 15.71 -10.65
N LEU A 99 17.39 15.00 -10.08
CA LEU A 99 18.46 14.40 -10.86
C LEU A 99 18.34 12.89 -10.79
N TRP A 100 19.00 12.25 -9.81
CA TRP A 100 19.03 10.79 -9.73
C TRP A 100 17.61 10.23 -9.69
N GLU A 101 17.33 9.29 -10.61
CA GLU A 101 16.04 8.66 -10.82
C GLU A 101 14.93 9.66 -11.14
N GLY A 102 15.27 10.90 -11.50
CA GLY A 102 14.22 11.88 -11.73
C GLY A 102 13.46 12.31 -10.49
N ALA A 103 13.97 12.02 -9.30
CA ALA A 103 13.28 12.41 -8.08
C ALA A 103 14.19 12.82 -6.94
N THR A 104 15.51 12.86 -7.13
CA THR A 104 16.43 13.30 -6.08
C THR A 104 16.77 14.76 -6.30
N PHE A 105 16.45 15.60 -5.32
CA PHE A 105 16.44 17.05 -5.51
C PHE A 105 17.80 17.62 -5.13
N ASP A 106 18.66 17.84 -6.12
CA ASP A 106 19.99 18.35 -5.84
C ASP A 106 20.06 19.87 -5.83
N TYR A 107 19.14 20.57 -6.50
CA TYR A 107 19.10 22.03 -6.42
C TYR A 107 17.72 22.48 -5.94
N TRP A 108 17.74 23.47 -5.03
CA TRP A 108 16.55 24.06 -4.44
C TRP A 108 16.65 25.57 -4.58
N GLY A 109 15.54 26.21 -4.91
CA GLY A 109 15.47 27.65 -4.75
C GLY A 109 15.42 28.02 -3.28
N GLN A 110 15.47 29.33 -3.02
CA GLN A 110 15.43 29.81 -1.65
C GLN A 110 14.04 29.65 -1.02
N GLY A 111 13.02 29.41 -1.83
CA GLY A 111 11.65 29.28 -1.37
C GLY A 111 10.96 30.63 -1.30
N THR A 112 9.64 30.61 -1.51
CA THR A 112 8.80 31.80 -1.35
C THR A 112 7.59 31.44 -0.51
N LEU A 113 7.26 32.32 0.44
CA LEU A 113 6.15 32.05 1.35
C LEU A 113 4.81 32.40 0.71
N VAL A 114 3.83 31.51 0.84
CA VAL A 114 2.45 31.79 0.46
C VAL A 114 1.60 31.55 1.67
N THR A 115 0.89 32.58 2.12
CA THR A 115 -0.06 32.47 3.22
C THR A 115 -1.44 32.74 2.66
N VAL A 116 -2.39 31.86 2.96
CA VAL A 116 -3.77 32.02 2.52
C VAL A 116 -4.63 32.18 3.76
N SER A 117 -5.22 33.36 3.94
CA SER A 117 -6.11 33.56 5.07
C SER A 117 -7.36 32.70 4.92
N SER A 118 -8.13 32.58 5.99
CA SER A 118 -9.29 31.67 6.00
C SER A 118 -10.58 32.36 5.56
N ASP A 138 1.04 1.37 -1.88
CA ASP A 138 1.67 2.63 -1.49
C ASP A 138 2.62 2.44 -0.31
N ILE A 139 3.86 2.92 -0.45
CA ILE A 139 4.92 2.57 0.50
C ILE A 139 5.07 3.69 1.52
N GLN A 140 4.98 3.34 2.80
CA GLN A 140 5.03 4.33 3.87
C GLN A 140 6.43 4.35 4.52
N LEU A 141 6.86 5.54 4.92
CA LEU A 141 8.19 5.80 5.44
C LEU A 141 8.08 6.31 6.87
N THR A 142 8.84 5.69 7.79
CA THR A 142 8.85 6.09 9.19
C THR A 142 10.27 6.41 9.62
N GLN A 143 10.48 7.65 10.07
CA GLN A 143 11.76 8.17 10.55
C GLN A 143 11.82 8.18 12.07
N SER A 144 12.88 7.62 12.63
CA SER A 144 13.08 7.56 14.08
C SER A 144 14.48 8.03 14.44
N PRO A 145 14.65 8.79 15.52
CA PRO A 145 13.61 9.36 16.40
C PRO A 145 13.05 10.63 15.78
N SER A 146 11.99 11.21 16.37
CA SER A 146 11.44 12.46 15.87
C SER A 146 12.22 13.64 16.39
N PHE A 147 12.76 13.51 17.60
CA PHE A 147 13.55 14.52 18.27
C PHE A 147 14.77 13.82 18.84
N LEU A 148 15.93 14.45 18.67
CA LEU A 148 17.20 13.87 19.11
C LEU A 148 18.05 14.99 19.68
N SER A 149 18.31 14.93 20.98
CA SER A 149 19.16 15.91 21.66
C SER A 149 20.52 15.28 21.90
N ALA A 150 21.57 15.99 21.53
CA ALA A 150 22.92 15.46 21.62
C ALA A 150 23.90 16.62 21.80
N SER A 151 25.18 16.27 21.90
CA SER A 151 26.26 17.20 22.12
C SER A 151 27.28 17.09 21.00
N VAL A 152 28.04 18.18 20.81
CA VAL A 152 29.14 18.16 19.86
C VAL A 152 30.04 16.97 20.15
N GLY A 153 30.48 16.30 19.09
CA GLY A 153 31.33 15.15 19.21
C GLY A 153 30.60 13.83 19.34
N ASP A 154 29.32 13.85 19.65
CA ASP A 154 28.55 12.62 19.73
C ASP A 154 28.44 11.94 18.38
N ARG A 155 28.30 10.62 18.39
CA ARG A 155 27.95 9.84 17.23
C ARG A 155 26.43 9.64 17.26
N ILE A 156 25.75 10.04 16.19
CA ILE A 156 24.30 9.95 16.19
C ILE A 156 23.85 9.13 14.98
N THR A 157 22.73 8.43 15.14
CA THR A 157 22.14 7.67 14.07
C THR A 157 20.65 8.03 13.98
N ILE A 158 20.19 8.18 12.75
CA ILE A 158 18.79 8.38 12.44
C ILE A 158 18.40 7.29 11.46
N THR A 159 17.27 6.65 11.71
CA THR A 159 16.87 5.49 10.93
C THR A 159 15.54 5.76 10.24
N CYS A 160 15.47 5.34 8.97
CA CYS A 160 14.30 5.45 8.13
C CYS A 160 13.86 4.04 7.77
N ARG A 161 12.59 3.73 8.03
CA ARG A 161 12.06 2.40 7.76
C ARG A 161 10.91 2.48 6.77
N ALA A 162 10.94 1.62 5.74
CA ALA A 162 9.90 1.61 4.72
C ALA A 162 9.06 0.34 4.85
N SER A 163 7.76 0.47 4.55
CA SER A 163 6.82 -0.63 4.70
C SER A 163 6.97 -1.73 3.66
N GLN A 164 7.75 -1.49 2.60
CA GLN A 164 8.11 -2.54 1.65
C GLN A 164 9.51 -2.25 1.14
N GLY A 165 10.18 -3.29 0.64
CA GLY A 165 11.55 -3.12 0.16
C GLY A 165 11.70 -2.15 -0.99
N ILE A 166 12.59 -1.17 -0.85
CA ILE A 166 12.76 -0.14 -1.85
C ILE A 166 14.21 -0.09 -2.32
N SER A 167 14.90 -1.21 -2.23
CA SER A 167 16.24 -1.35 -2.80
C SER A 167 17.10 -0.24 -2.22
N SER A 168 17.73 0.61 -3.04
CA SER A 168 18.54 1.72 -2.59
C SER A 168 17.91 3.06 -2.97
N TYR A 169 16.60 3.07 -3.23
CA TYR A 169 15.88 4.28 -3.70
C TYR A 169 15.56 5.18 -2.51
N LEU A 170 16.61 5.74 -1.92
CA LEU A 170 16.43 6.59 -0.75
C LEU A 170 17.49 7.68 -0.76
N ALA A 171 17.11 8.86 -0.27
CA ALA A 171 18.01 10.00 -0.16
C ALA A 171 17.79 10.67 1.18
N TRP A 172 18.82 11.39 1.63
CA TRP A 172 18.84 12.09 2.92
C TRP A 172 19.10 13.57 2.67
N TYR A 173 18.34 14.43 3.39
CA TYR A 173 18.50 15.87 3.29
C TYR A 173 18.72 16.50 4.65
N GLN A 174 19.45 17.60 4.67
CA GLN A 174 19.63 18.42 5.86
C GLN A 174 18.95 19.77 5.65
N GLN A 175 18.17 20.22 6.64
CA GLN A 175 17.49 21.51 6.55
C GLN A 175 17.81 22.34 7.78
N LYS A 176 18.61 23.38 7.59
CA LYS A 176 18.92 24.32 8.67
C LYS A 176 17.78 25.31 8.84
N PRO A 177 17.57 25.82 10.05
CA PRO A 177 16.50 26.80 10.26
C PRO A 177 16.58 27.94 9.26
N GLY A 178 15.45 28.26 8.65
CA GLY A 178 15.37 29.36 7.69
C GLY A 178 15.81 29.03 6.27
N LYS A 179 16.35 27.84 6.02
CA LYS A 179 16.96 27.54 4.74
C LYS A 179 16.21 26.44 4.00
N ALA A 180 16.52 26.32 2.71
CA ALA A 180 16.01 25.22 1.93
C ALA A 180 16.69 23.92 2.35
N PRO A 181 16.02 22.78 2.21
CA PRO A 181 16.71 21.50 2.40
C PRO A 181 17.90 21.39 1.46
N LYS A 182 18.90 20.60 1.90
CA LYS A 182 20.12 20.38 1.14
C LYS A 182 20.38 18.88 1.05
N LEU A 183 20.61 18.39 -0.16
CA LEU A 183 20.86 16.98 -0.40
C LEU A 183 22.20 16.57 0.18
N LEU A 184 22.20 15.52 1.02
CA LEU A 184 23.42 14.98 1.60
C LEU A 184 23.85 13.67 0.95
N ILE A 185 22.91 12.75 0.79
CA ILE A 185 23.16 11.38 0.36
C ILE A 185 22.03 10.96 -0.56
N TYR A 186 22.36 10.22 -1.61
CA TYR A 186 21.36 9.63 -2.49
C TYR A 186 21.78 8.20 -2.81
N ALA A 187 20.86 7.44 -3.41
CA ALA A 187 21.08 6.02 -3.61
C ALA A 187 21.51 5.35 -2.31
N ALA A 188 20.94 5.80 -1.19
CA ALA A 188 21.10 5.21 0.15
C ALA A 188 22.46 5.50 0.78
N SER A 189 23.53 5.47 -0.01
CA SER A 189 24.87 5.53 0.54
C SER A 189 25.81 6.47 -0.20
N THR A 190 25.40 7.05 -1.33
CA THR A 190 26.31 7.86 -2.11
C THR A 190 26.31 9.29 -1.59
N LEU A 191 27.46 9.77 -1.18
CA LEU A 191 27.60 11.10 -0.60
C LEU A 191 27.64 12.15 -1.71
N GLN A 192 26.74 13.12 -1.62
CA GLN A 192 26.69 14.20 -2.58
C GLN A 192 28.00 14.98 -2.53
N SER A 193 28.44 15.46 -3.70
CA SER A 193 29.69 16.21 -3.76
C SER A 193 29.63 17.43 -2.84
N GLY A 194 30.68 17.62 -2.05
CA GLY A 194 30.75 18.77 -1.17
C GLY A 194 30.23 18.56 0.23
N VAL A 195 29.57 17.44 0.51
CA VAL A 195 29.10 17.16 1.86
C VAL A 195 30.26 16.57 2.65
N PRO A 196 30.48 16.99 3.91
CA PRO A 196 31.60 16.43 4.68
C PRO A 196 31.46 14.93 4.88
N SER A 197 32.61 14.28 5.05
CA SER A 197 32.64 12.82 5.08
C SER A 197 32.15 12.25 6.40
N ARG A 198 31.89 13.08 7.41
CA ARG A 198 31.33 12.54 8.64
C ARG A 198 29.87 12.12 8.46
N PHE A 199 29.23 12.52 7.37
CA PHE A 199 27.90 12.05 7.01
C PHE A 199 28.04 10.79 6.15
N SER A 200 27.34 9.73 6.55
CA SER A 200 27.28 8.54 5.71
C SER A 200 25.91 7.88 5.83
N GLY A 201 25.48 7.26 4.75
CA GLY A 201 24.21 6.54 4.71
C GLY A 201 24.46 5.05 4.51
N SER A 202 23.63 4.22 5.15
CA SER A 202 23.76 2.78 4.98
C SER A 202 22.38 2.15 4.95
N GLY A 203 22.35 0.88 4.57
CA GLY A 203 21.13 0.11 4.55
C GLY A 203 20.56 -0.04 3.16
N SER A 204 19.54 -0.88 3.09
CA SER A 204 18.83 -1.16 1.84
C SER A 204 17.55 -1.92 2.19
N GLY A 205 16.67 -2.05 1.20
CA GLY A 205 15.44 -2.78 1.44
C GLY A 205 14.48 -1.96 2.28
N THR A 206 14.32 -2.28 3.56
CA THR A 206 13.33 -1.59 4.39
C THR A 206 13.94 -0.76 5.51
N GLU A 207 15.26 -0.77 5.72
CA GLU A 207 15.84 -0.05 6.83
C GLU A 207 17.09 0.70 6.39
N PHE A 208 17.13 2.00 6.63
CA PHE A 208 18.19 2.89 6.20
C PHE A 208 18.59 3.79 7.36
N THR A 209 19.88 4.02 7.51
CA THR A 209 20.39 4.77 8.64
C THR A 209 21.31 5.88 8.13
N LEU A 210 21.08 7.09 8.64
CA LEU A 210 21.99 8.20 8.50
C LEU A 210 22.85 8.28 9.76
N THR A 211 24.17 8.23 9.59
CA THR A 211 25.09 8.36 10.71
C THR A 211 25.91 9.63 10.55
N ILE A 212 25.98 10.43 11.62
CA ILE A 212 26.97 11.49 11.75
C ILE A 212 27.99 11.04 12.78
N SER A 213 29.23 10.86 12.34
CA SER A 213 30.21 10.16 13.16
C SER A 213 30.66 11.02 14.33
N SER A 214 30.86 12.32 14.11
CA SER A 214 31.31 13.24 15.16
C SER A 214 30.54 14.55 15.00
N LEU A 215 29.47 14.69 15.79
CA LEU A 215 28.58 15.83 15.66
C LEU A 215 29.33 17.15 15.84
N GLN A 216 29.15 18.06 14.89
CA GLN A 216 29.67 19.41 14.92
C GLN A 216 28.55 20.41 15.13
N PRO A 217 28.84 21.60 15.66
CA PRO A 217 27.75 22.55 15.96
C PRO A 217 26.99 23.03 14.74
N GLU A 218 27.61 23.10 13.56
CA GLU A 218 26.87 23.49 12.36
C GLU A 218 25.93 22.39 11.87
N ASP A 219 25.96 21.20 12.46
CA ASP A 219 25.12 20.09 12.03
C ASP A 219 23.76 20.05 12.71
N PHE A 220 23.49 20.96 13.64
CA PHE A 220 22.20 20.91 14.31
C PHE A 220 21.17 21.44 13.34
N ALA A 221 20.16 20.62 13.06
CA ALA A 221 19.26 20.83 11.93
C ALA A 221 18.14 19.81 12.02
N THR A 222 17.23 19.88 11.07
CA THR A 222 16.22 18.85 10.87
C THR A 222 16.63 18.03 9.65
N TYR A 223 16.58 16.70 9.78
CA TYR A 223 16.98 15.80 8.71
C TYR A 223 15.78 15.03 8.21
N TYR A 224 15.74 14.77 6.90
CA TYR A 224 14.63 14.08 6.25
C TYR A 224 15.18 12.96 5.37
N CYS A 225 14.58 11.78 5.47
CA CYS A 225 14.78 10.79 4.44
C CYS A 225 13.69 10.95 3.40
N GLN A 226 13.98 10.47 2.19
CA GLN A 226 13.04 10.55 1.06
C GLN A 226 13.07 9.23 0.31
N HIS A 227 11.91 8.59 0.16
CA HIS A 227 11.80 7.46 -0.76
C HIS A 227 11.80 8.01 -2.18
N VAL A 228 12.86 7.73 -2.92
CA VAL A 228 13.07 8.28 -4.24
C VAL A 228 12.15 7.56 -5.21
N ASN A 229 11.08 8.24 -5.63
CA ASN A 229 10.10 7.59 -6.49
C ASN A 229 9.65 8.58 -7.54
N SER A 230 9.09 8.06 -8.63
CA SER A 230 8.85 8.88 -9.82
C SER A 230 7.65 9.84 -9.72
N PHE A 231 6.79 9.71 -8.70
CA PHE A 231 5.57 10.50 -8.65
C PHE A 231 5.36 11.10 -7.27
N PRO A 232 4.83 12.33 -7.19
CA PRO A 232 4.58 12.94 -5.87
C PRO A 232 3.52 12.24 -5.04
N GLY A 233 3.92 11.34 -4.15
CA GLY A 233 2.99 10.67 -3.27
C GLY A 233 2.99 11.29 -1.88
N PRO A 234 2.01 10.92 -1.06
CA PRO A 234 1.93 11.52 0.29
C PRO A 234 3.05 11.08 1.22
N TYR A 235 3.69 9.94 0.98
CA TYR A 235 4.76 9.45 1.83
C TYR A 235 6.12 9.58 1.15
N THR A 236 6.30 10.62 0.34
CA THR A 236 7.59 10.82 -0.32
C THR A 236 8.70 11.04 0.71
N PHE A 237 8.45 11.83 1.74
CA PHE A 237 9.46 12.16 2.73
C PHE A 237 9.09 11.54 4.07
N GLY A 238 10.12 11.17 4.83
CA GLY A 238 9.94 10.92 6.24
C GLY A 238 9.49 12.17 6.98
N GLN A 239 8.98 11.95 8.19
CA GLN A 239 8.46 13.04 9.02
C GLN A 239 9.55 13.96 9.55
N GLY A 240 10.82 13.56 9.48
CA GLY A 240 11.92 14.42 9.88
C GLY A 240 12.43 14.08 11.28
N THR A 241 13.68 14.48 11.53
CA THR A 241 14.29 14.32 12.84
C THR A 241 14.90 15.65 13.25
N LYS A 242 14.39 16.23 14.32
CA LYS A 242 14.96 17.47 14.84
C LYS A 242 16.16 17.14 15.73
N LEU A 243 17.35 17.51 15.27
CA LEU A 243 18.59 17.28 16.00
C LEU A 243 18.96 18.56 16.76
N GLU A 244 18.95 18.49 18.10
CA GLU A 244 19.05 19.65 18.98
C GLU A 244 20.19 19.48 19.99
N ILE A 245 20.66 20.60 20.54
CA ILE A 245 21.77 20.57 21.52
C ILE A 245 21.44 19.79 22.78
N ASN B 1 2.00 -25.51 -38.49
CA ASN B 1 2.57 -25.69 -37.16
C ASN B 1 2.05 -24.61 -36.23
N LEU B 2 2.08 -24.87 -34.91
CA LEU B 2 1.63 -23.88 -33.93
C LEU B 2 2.63 -22.74 -33.83
N CYS B 3 2.12 -21.53 -33.60
CA CYS B 3 2.97 -20.36 -33.53
C CYS B 3 3.99 -20.52 -32.41
N PRO B 4 5.24 -20.07 -32.60
CA PRO B 4 6.30 -20.30 -31.60
C PRO B 4 6.28 -19.25 -30.48
N PHE B 5 5.15 -19.16 -29.77
CA PHE B 5 5.07 -18.20 -28.66
C PHE B 5 6.12 -18.49 -27.60
N GLY B 6 6.46 -19.76 -27.39
CA GLY B 6 7.46 -20.13 -26.40
C GLY B 6 8.80 -19.44 -26.58
N GLU B 7 9.20 -19.19 -27.84
CA GLU B 7 10.44 -18.45 -28.07
C GLU B 7 10.37 -17.07 -27.43
N VAL B 8 9.21 -16.45 -27.45
CA VAL B 8 9.05 -15.12 -26.87
C VAL B 8 8.88 -15.22 -25.37
N PHE B 9 7.84 -15.94 -24.93
CA PHE B 9 7.44 -15.91 -23.54
C PHE B 9 8.46 -16.59 -22.63
N ASN B 10 9.17 -17.60 -23.13
CA ASN B 10 10.06 -18.42 -22.32
C ASN B 10 11.52 -18.16 -22.64
N ALA B 11 11.83 -17.02 -23.26
CA ALA B 11 13.22 -16.68 -23.51
C ALA B 11 13.98 -16.54 -22.20
N THR B 12 15.24 -16.97 -22.21
CA THR B 12 16.05 -17.00 -20.99
C THR B 12 16.20 -15.61 -20.39
N ARG B 13 16.48 -14.62 -21.22
CA ARG B 13 16.60 -13.24 -20.79
C ARG B 13 15.76 -12.39 -21.71
N PHE B 14 15.15 -11.35 -21.16
CA PHE B 14 14.37 -10.41 -21.95
C PHE B 14 15.20 -9.18 -22.25
N ALA B 15 14.71 -8.36 -23.18
CA ALA B 15 15.34 -7.11 -23.53
C ALA B 15 15.11 -6.06 -22.45
N SER B 16 16.02 -5.09 -22.35
CA SER B 16 15.74 -3.89 -21.60
C SER B 16 14.64 -3.09 -22.30
N VAL B 17 13.85 -2.37 -21.50
CA VAL B 17 12.65 -1.75 -22.07
C VAL B 17 13.02 -0.70 -23.11
N TYR B 18 14.15 -0.01 -22.93
CA TYR B 18 14.48 1.03 -23.90
C TYR B 18 14.87 0.42 -25.24
N ALA B 19 15.35 -0.82 -25.21
CA ALA B 19 15.77 -1.55 -26.39
C ALA B 19 14.83 -2.72 -26.64
N TRP B 20 13.53 -2.48 -26.46
CA TRP B 20 12.55 -3.55 -26.47
C TRP B 20 12.62 -4.35 -27.76
N ASN B 21 12.41 -5.65 -27.64
CA ASN B 21 12.51 -6.56 -28.78
C ASN B 21 11.16 -6.70 -29.45
N ARG B 22 11.16 -6.80 -30.78
CA ARG B 22 9.97 -7.13 -31.56
C ARG B 22 10.24 -8.41 -32.35
N LYS B 23 9.35 -9.39 -32.21
CA LYS B 23 9.44 -10.65 -32.96
C LYS B 23 8.22 -10.74 -33.87
N ARG B 24 8.45 -10.95 -35.17
CA ARG B 24 7.36 -11.19 -36.10
C ARG B 24 6.94 -12.64 -36.08
N ILE B 25 5.63 -12.87 -36.05
CA ILE B 25 5.07 -14.22 -36.02
C ILE B 25 4.25 -14.40 -37.29
N SER B 26 4.61 -15.39 -38.11
CA SER B 26 3.98 -15.63 -39.40
C SER B 26 3.85 -17.12 -39.67
N ASN B 27 2.94 -17.46 -40.57
CA ASN B 27 2.83 -18.81 -41.13
C ASN B 27 2.64 -19.87 -40.06
N CYS B 28 1.62 -19.69 -39.22
CA CYS B 28 1.39 -20.64 -38.13
C CYS B 28 -0.04 -20.50 -37.64
N VAL B 29 -0.46 -21.49 -36.84
CA VAL B 29 -1.76 -21.49 -36.17
C VAL B 29 -1.57 -20.99 -34.75
N ALA B 30 -2.30 -19.94 -34.38
CA ALA B 30 -2.17 -19.35 -33.06
C ALA B 30 -3.38 -19.73 -32.23
N ASP B 31 -3.18 -20.53 -31.19
CA ASP B 31 -4.24 -20.79 -30.21
C ASP B 31 -4.02 -19.81 -29.07
N TYR B 32 -4.76 -18.69 -29.11
CA TYR B 32 -4.59 -17.65 -28.10
C TYR B 32 -5.13 -18.08 -26.74
N SER B 33 -5.98 -19.12 -26.70
CA SER B 33 -6.54 -19.58 -25.44
C SER B 33 -5.47 -20.24 -24.55
N VAL B 34 -4.43 -20.83 -25.14
CA VAL B 34 -3.31 -21.30 -24.32
C VAL B 34 -2.71 -20.16 -23.51
N LEU B 35 -2.79 -18.93 -24.03
CA LEU B 35 -2.28 -17.77 -23.30
C LEU B 35 -3.33 -17.24 -22.32
N TYR B 36 -4.53 -16.91 -22.82
CA TYR B 36 -5.43 -16.20 -21.90
C TYR B 36 -6.06 -17.11 -20.86
N ASN B 37 -6.06 -18.43 -21.07
CA ASN B 37 -6.51 -19.32 -20.01
C ASN B 37 -5.48 -19.52 -18.90
N SER B 38 -4.26 -19.02 -19.06
CA SER B 38 -3.18 -19.41 -18.15
C SER B 38 -3.23 -18.63 -16.83
N ALA B 39 -3.07 -19.34 -15.72
CA ALA B 39 -2.99 -18.70 -14.42
C ALA B 39 -1.65 -18.01 -14.16
N SER B 40 -0.71 -18.05 -15.11
CA SER B 40 0.62 -17.49 -14.88
C SER B 40 0.69 -15.98 -15.10
N PHE B 41 -0.23 -15.39 -15.88
CA PHE B 41 -0.14 -13.99 -16.22
C PHE B 41 -0.95 -13.16 -15.22
N SER B 42 -0.29 -12.20 -14.57
CA SER B 42 -1.01 -11.29 -13.68
C SER B 42 -1.64 -10.12 -14.42
N THR B 43 -1.18 -9.81 -15.64
CA THR B 43 -1.87 -8.88 -16.53
C THR B 43 -2.14 -9.60 -17.85
N PHE B 44 -3.39 -9.52 -18.32
CA PHE B 44 -3.76 -9.95 -19.67
C PHE B 44 -4.93 -9.05 -20.08
N LYS B 45 -4.61 -7.92 -20.73
CA LYS B 45 -5.60 -6.92 -21.11
C LYS B 45 -5.50 -6.67 -22.60
N CYS B 46 -6.60 -6.86 -23.31
CA CYS B 46 -6.65 -6.58 -24.73
C CYS B 46 -7.47 -5.33 -25.00
N TYR B 47 -7.07 -4.60 -26.03
CA TYR B 47 -7.67 -3.34 -26.41
C TYR B 47 -8.01 -3.43 -27.89
N GLY B 48 -9.15 -2.85 -28.27
CA GLY B 48 -9.62 -2.95 -29.65
C GLY B 48 -10.10 -4.31 -30.09
N VAL B 49 -10.06 -5.31 -29.21
CA VAL B 49 -10.46 -6.68 -29.54
C VAL B 49 -10.73 -7.42 -28.23
N SER B 50 -11.60 -8.42 -28.28
CA SER B 50 -11.84 -9.25 -27.10
C SER B 50 -10.97 -10.51 -27.16
N PRO B 51 -10.39 -10.94 -26.04
CA PRO B 51 -9.47 -12.10 -26.10
C PRO B 51 -10.14 -13.37 -26.56
N THR B 52 -11.42 -13.56 -26.25
CA THR B 52 -12.12 -14.77 -26.70
C THR B 52 -12.50 -14.71 -28.17
N LYS B 53 -12.28 -13.59 -28.85
CA LYS B 53 -12.56 -13.52 -30.29
C LYS B 53 -11.32 -13.76 -31.13
N LEU B 54 -10.13 -13.70 -30.52
CA LEU B 54 -8.88 -13.80 -31.26
C LEU B 54 -8.80 -15.11 -32.06
N ASN B 55 -9.30 -16.21 -31.49
CA ASN B 55 -9.20 -17.51 -32.16
C ASN B 55 -10.03 -17.58 -33.43
N ASP B 56 -10.95 -16.64 -33.63
CA ASP B 56 -11.81 -16.62 -34.82
C ASP B 56 -11.25 -15.77 -35.94
N LEU B 57 -10.10 -15.14 -35.76
CA LEU B 57 -9.60 -14.10 -36.65
C LEU B 57 -8.32 -14.55 -37.36
N CYS B 58 -8.17 -14.08 -38.59
CA CYS B 58 -6.97 -14.31 -39.38
C CYS B 58 -6.24 -12.99 -39.60
N PHE B 59 -4.93 -13.01 -39.44
CA PHE B 59 -4.11 -11.82 -39.61
C PHE B 59 -2.99 -12.07 -40.60
N THR B 60 -2.51 -10.98 -41.21
CA THR B 60 -1.38 -11.08 -42.13
C THR B 60 -0.12 -11.50 -41.38
N ASN B 61 0.15 -10.87 -40.25
CA ASN B 61 1.25 -11.19 -39.33
C ASN B 61 0.81 -10.83 -37.92
N VAL B 62 1.48 -11.41 -36.94
CA VAL B 62 1.34 -11.01 -35.55
C VAL B 62 2.71 -10.61 -35.04
N TYR B 63 2.76 -9.62 -34.14
CA TYR B 63 4.02 -9.14 -33.59
C TYR B 63 4.01 -9.21 -32.08
N ALA B 64 5.15 -9.62 -31.51
CA ALA B 64 5.32 -9.70 -30.05
C ALA B 64 6.48 -8.79 -29.66
N ASP B 65 6.17 -7.74 -28.90
CA ASP B 65 7.19 -6.89 -28.29
C ASP B 65 7.40 -7.34 -26.85
N SER B 66 8.65 -7.50 -26.43
CA SER B 66 8.91 -8.00 -25.09
C SER B 66 10.03 -7.21 -24.44
N PHE B 67 9.97 -7.12 -23.11
CA PHE B 67 10.91 -6.33 -22.32
C PHE B 67 10.59 -6.56 -20.84
N VAL B 68 11.45 -6.01 -19.97
CA VAL B 68 11.27 -6.07 -18.54
C VAL B 68 11.12 -4.66 -18.00
N ILE B 69 10.15 -4.45 -17.09
CA ILE B 69 9.99 -3.22 -16.32
C ILE B 69 9.67 -3.60 -14.88
N ARG B 70 9.58 -2.59 -14.01
CA ARG B 70 9.15 -2.74 -12.63
C ARG B 70 7.64 -2.98 -12.54
N GLY B 71 7.23 -3.65 -11.47
CA GLY B 71 5.80 -3.93 -11.28
C GLY B 71 4.93 -2.69 -11.34
N ASP B 72 5.36 -1.61 -10.67
CA ASP B 72 4.55 -0.38 -10.64
C ASP B 72 4.47 0.31 -11.99
N GLU B 73 5.26 -0.11 -12.99
CA GLU B 73 5.23 0.52 -14.32
C GLU B 73 4.39 -0.25 -15.33
N VAL B 74 3.86 -1.43 -14.97
CA VAL B 74 3.09 -2.22 -15.92
C VAL B 74 1.86 -1.45 -16.36
N ARG B 75 1.27 -0.66 -15.46
CA ARG B 75 0.11 0.16 -15.79
C ARG B 75 0.40 1.19 -16.86
N GLN B 76 1.66 1.53 -17.09
CA GLN B 76 2.01 2.44 -18.17
C GLN B 76 1.99 1.77 -19.54
N ILE B 77 1.93 0.43 -19.59
CA ILE B 77 1.84 -0.25 -20.87
C ILE B 77 0.35 -0.38 -21.21
N ALA B 78 -0.24 0.73 -21.61
CA ALA B 78 -1.67 0.81 -21.87
C ALA B 78 -1.92 2.07 -22.66
N PRO B 79 -2.98 2.13 -23.46
CA PRO B 79 -3.21 3.33 -24.25
C PRO B 79 -3.49 4.52 -23.34
N GLY B 80 -2.96 5.67 -23.72
CA GLY B 80 -3.25 6.90 -23.02
C GLY B 80 -2.50 7.11 -21.71
N GLN B 81 -1.40 6.39 -21.46
CA GLN B 81 -0.69 6.57 -20.22
C GLN B 81 0.51 7.51 -20.40
N THR B 82 0.98 8.05 -19.27
CA THR B 82 2.18 8.88 -19.21
C THR B 82 3.08 8.39 -18.09
N GLY B 83 4.33 8.82 -18.14
CA GLY B 83 5.33 8.41 -17.17
C GLY B 83 6.64 8.08 -17.87
N LYS B 84 7.67 7.72 -17.12
CA LYS B 84 8.99 7.50 -17.72
C LYS B 84 8.97 6.40 -18.78
N ILE B 85 8.23 5.31 -18.54
CA ILE B 85 8.23 4.23 -19.52
C ILE B 85 7.41 4.61 -20.74
N ALA B 86 6.15 5.02 -20.52
CA ALA B 86 5.31 5.43 -21.64
C ALA B 86 5.93 6.59 -22.41
N ASP B 87 6.48 7.58 -21.70
CA ASP B 87 7.00 8.76 -22.38
C ASP B 87 8.32 8.47 -23.09
N TYR B 88 9.25 7.75 -22.44
CA TYR B 88 10.61 7.68 -22.97
C TYR B 88 11.08 6.28 -23.35
N ASN B 89 10.27 5.25 -23.15
CA ASN B 89 10.77 3.90 -23.43
C ASN B 89 9.89 3.08 -24.37
N TYR B 90 8.60 2.89 -24.03
CA TYR B 90 7.71 2.11 -24.89
C TYR B 90 6.34 2.76 -24.85
N LYS B 91 5.86 3.21 -26.02
CA LYS B 91 4.64 4.00 -26.10
C LYS B 91 3.59 3.26 -26.94
N LEU B 92 2.48 2.89 -26.31
CA LEU B 92 1.34 2.43 -27.08
C LEU B 92 0.52 3.63 -27.57
N PRO B 93 -0.18 3.50 -28.69
CA PRO B 93 -1.02 4.61 -29.18
C PRO B 93 -2.26 4.79 -28.33
N ASP B 94 -2.85 5.99 -28.42
CA ASP B 94 -4.07 6.28 -27.68
C ASP B 94 -5.21 5.35 -28.05
N ASP B 95 -5.27 4.94 -29.32
CA ASP B 95 -6.30 4.01 -29.80
C ASP B 95 -5.55 2.79 -30.29
N PHE B 96 -5.61 1.70 -29.55
CA PHE B 96 -4.73 0.57 -29.73
C PHE B 96 -5.55 -0.68 -29.96
N THR B 97 -5.10 -1.52 -30.89
CA THR B 97 -5.61 -2.88 -31.01
C THR B 97 -4.47 -3.85 -30.73
N GLY B 98 -4.62 -4.63 -29.66
CA GLY B 98 -3.59 -5.56 -29.25
C GLY B 98 -3.82 -5.96 -27.81
N CYS B 99 -2.86 -6.74 -27.28
CA CYS B 99 -2.97 -7.30 -25.94
C CYS B 99 -1.67 -7.05 -25.19
N VAL B 100 -1.82 -6.69 -23.92
CA VAL B 100 -0.70 -6.52 -23.01
C VAL B 100 -0.73 -7.67 -22.02
N ILE B 101 0.38 -8.38 -21.91
CA ILE B 101 0.52 -9.57 -21.07
C ILE B 101 1.76 -9.36 -20.21
N ALA B 102 1.64 -9.62 -18.91
CA ALA B 102 2.78 -9.41 -18.01
C ALA B 102 2.74 -10.42 -16.88
N TRP B 103 3.92 -10.75 -16.36
CA TRP B 103 4.00 -11.65 -15.22
C TRP B 103 5.21 -11.30 -14.37
N ASN B 104 5.10 -11.59 -13.08
CA ASN B 104 6.18 -11.32 -12.15
C ASN B 104 7.35 -12.23 -12.49
N SER B 105 8.53 -11.65 -12.67
CA SER B 105 9.70 -12.43 -13.04
C SER B 105 10.81 -12.30 -11.99
N ASN B 106 10.41 -12.02 -10.74
CA ASN B 106 11.36 -11.90 -9.64
C ASN B 106 12.31 -13.10 -9.56
N ASN B 107 11.78 -14.31 -9.70
CA ASN B 107 12.64 -15.48 -9.56
C ASN B 107 13.66 -15.60 -10.69
N LEU B 108 13.42 -14.97 -11.83
CA LEU B 108 14.31 -15.04 -13.00
C LEU B 108 15.26 -13.86 -13.11
N ASP B 109 14.79 -12.65 -12.81
CA ASP B 109 15.49 -11.42 -13.18
C ASP B 109 16.06 -10.64 -12.00
N SER B 110 15.82 -11.06 -10.77
CA SER B 110 16.45 -10.36 -9.65
C SER B 110 17.60 -11.23 -9.14
N LYS B 111 18.52 -10.60 -8.41
CA LYS B 111 19.70 -11.28 -7.85
C LYS B 111 20.02 -10.69 -6.49
N VAL B 112 20.42 -11.56 -5.56
CA VAL B 112 20.86 -11.14 -4.23
C VAL B 112 21.90 -10.03 -4.37
N GLY B 113 21.65 -8.90 -3.72
CA GLY B 113 22.51 -7.75 -3.86
C GLY B 113 22.25 -6.90 -5.09
N GLY B 114 21.59 -7.45 -6.12
CA GLY B 114 21.16 -6.61 -7.23
C GLY B 114 21.46 -7.13 -8.62
N ASN B 115 20.46 -7.11 -9.50
CA ASN B 115 20.69 -7.31 -10.92
C ASN B 115 20.55 -5.96 -11.59
N TYR B 116 21.63 -5.47 -12.20
CA TYR B 116 21.62 -4.16 -12.83
C TYR B 116 21.67 -4.26 -14.36
N ASN B 117 21.49 -5.46 -14.91
CA ASN B 117 21.55 -5.68 -16.35
C ASN B 117 20.42 -4.98 -17.10
N TYR B 118 19.26 -4.79 -16.47
CA TYR B 118 18.10 -4.24 -17.18
C TYR B 118 18.07 -2.72 -16.99
N LEU B 119 17.94 -1.99 -18.10
CA LEU B 119 18.01 -0.53 -18.09
C LEU B 119 16.71 0.06 -18.59
N TYR B 120 16.53 1.35 -18.28
CA TYR B 120 15.48 2.16 -18.88
C TYR B 120 16.05 3.53 -19.17
N ARG B 121 15.44 4.25 -20.10
CA ARG B 121 15.89 5.60 -20.44
C ARG B 121 15.23 6.59 -19.49
N LEU B 122 16.05 7.38 -18.80
CA LEU B 122 15.57 8.36 -17.82
C LEU B 122 15.48 9.76 -18.40
N PHE B 123 16.40 10.14 -19.27
CA PHE B 123 16.49 11.49 -19.81
C PHE B 123 16.19 11.48 -21.30
N ARG B 124 15.25 12.33 -21.72
CA ARG B 124 14.89 12.48 -23.13
C ARG B 124 14.09 13.75 -23.28
N LYS B 125 14.41 14.52 -24.33
CA LYS B 125 13.86 15.87 -24.47
C LYS B 125 12.38 15.86 -24.84
N SER B 126 11.91 14.81 -25.52
CA SER B 126 10.53 14.75 -25.96
C SER B 126 10.02 13.31 -25.83
N ASN B 127 8.69 13.18 -25.77
CA ASN B 127 8.04 11.88 -25.67
C ASN B 127 8.23 11.08 -26.96
N LEU B 128 8.29 9.76 -26.81
CA LEU B 128 8.25 8.88 -27.97
C LEU B 128 6.90 8.95 -28.67
N LYS B 129 6.92 8.79 -30.00
CA LYS B 129 5.72 8.47 -30.73
C LYS B 129 5.37 7.00 -30.53
N PRO B 130 4.11 6.61 -30.72
CA PRO B 130 3.75 5.20 -30.55
C PRO B 130 4.64 4.27 -31.36
N PHE B 131 5.08 3.18 -30.71
CA PHE B 131 5.95 2.16 -31.27
C PHE B 131 7.31 2.69 -31.69
N GLU B 132 7.66 3.91 -31.30
CA GLU B 132 9.03 4.38 -31.51
C GLU B 132 9.99 3.63 -30.58
N ARG B 133 11.23 3.50 -31.03
CA ARG B 133 12.29 2.86 -30.27
C ARG B 133 13.51 3.74 -30.36
N ASP B 134 14.04 4.14 -29.20
CA ASP B 134 15.22 4.99 -29.10
C ASP B 134 16.30 4.21 -28.36
N ILE B 135 17.35 3.79 -29.06
CA ILE B 135 18.50 3.15 -28.43
C ILE B 135 19.73 4.04 -28.48
N SER B 136 19.58 5.32 -28.77
CA SER B 136 20.76 6.19 -28.75
C SER B 136 21.29 6.31 -27.32
N THR B 137 22.57 6.68 -27.21
CA THR B 137 23.21 6.87 -25.91
C THR B 137 24.05 8.15 -25.88
N GLU B 138 23.58 9.22 -26.51
CA GLU B 138 24.28 10.50 -26.41
C GLU B 138 24.19 11.05 -24.99
N ILE B 139 25.26 11.74 -24.57
CA ILE B 139 25.22 12.40 -23.28
C ILE B 139 24.13 13.46 -23.31
N TYR B 140 23.29 13.45 -22.29
CA TYR B 140 22.11 14.30 -22.23
C TYR B 140 22.47 15.66 -21.66
N GLN B 141 22.21 16.71 -22.45
CA GLN B 141 22.54 18.08 -22.05
C GLN B 141 21.40 18.66 -21.23
N ALA B 142 21.61 18.75 -19.91
CA ALA B 142 20.60 19.26 -18.99
C ALA B 142 20.82 20.72 -18.62
N GLY B 143 21.91 21.33 -19.07
CA GLY B 143 22.18 22.72 -18.79
C GLY B 143 22.38 23.54 -20.05
N SER B 144 22.92 24.74 -19.90
CA SER B 144 23.07 25.63 -21.05
C SER B 144 24.32 25.34 -21.86
N THR B 145 25.32 24.67 -21.28
CA THR B 145 26.55 24.48 -22.04
C THR B 145 26.62 23.08 -22.65
N PRO B 146 27.05 22.96 -23.92
CA PRO B 146 27.06 21.65 -24.58
C PRO B 146 28.01 20.67 -23.90
N CYS B 147 27.70 19.38 -24.04
CA CYS B 147 28.47 18.33 -23.39
C CYS B 147 29.64 17.83 -24.23
N ASN B 148 29.54 17.89 -25.56
CA ASN B 148 30.57 17.33 -26.46
C ASN B 148 30.96 15.92 -26.05
N GLY B 149 29.97 15.09 -25.77
CA GLY B 149 30.20 13.69 -25.46
C GLY B 149 30.83 13.42 -24.12
N VAL B 150 31.05 14.43 -23.28
CA VAL B 150 31.70 14.26 -21.98
C VAL B 150 30.67 14.31 -20.88
N GLU B 151 30.58 13.24 -20.10
CA GLU B 151 29.79 13.26 -18.88
C GLU B 151 30.39 14.24 -17.88
N GLY B 152 29.52 14.83 -17.07
CA GLY B 152 29.95 15.83 -16.11
C GLY B 152 28.73 16.47 -15.48
N PHE B 153 28.94 17.63 -14.85
CA PHE B 153 27.81 18.36 -14.31
C PHE B 153 26.85 18.73 -15.43
N ASN B 154 25.56 18.49 -15.19
CA ASN B 154 24.50 18.80 -16.15
C ASN B 154 24.70 18.09 -17.49
N CYS B 155 25.52 17.03 -17.51
CA CYS B 155 25.80 16.26 -18.72
C CYS B 155 25.75 14.79 -18.32
N TYR B 156 24.65 14.12 -18.65
CA TYR B 156 24.31 12.86 -18.00
C TYR B 156 24.12 11.74 -19.02
N PHE B 157 24.59 10.55 -18.65
CA PHE B 157 24.26 9.37 -19.43
C PHE B 157 22.75 9.17 -19.34
N PRO B 158 22.07 8.96 -20.46
CA PRO B 158 20.58 8.97 -20.44
C PRO B 158 19.93 7.73 -19.89
N LEU B 159 20.64 6.60 -19.83
CA LEU B 159 20.06 5.36 -19.33
C LEU B 159 20.43 5.15 -17.87
N GLN B 160 19.57 4.43 -17.17
CA GLN B 160 19.74 4.11 -15.77
C GLN B 160 19.35 2.66 -15.56
N SER B 161 20.07 1.94 -14.71
CA SER B 161 19.71 0.56 -14.48
C SER B 161 18.65 0.46 -13.39
N TYR B 162 17.76 -0.50 -13.56
CA TYR B 162 16.89 -0.94 -12.48
C TYR B 162 17.73 -1.62 -11.40
N GLY B 163 17.23 -1.60 -10.18
CA GLY B 163 17.89 -2.37 -9.14
C GLY B 163 16.98 -3.47 -8.68
N PHE B 164 17.10 -4.66 -9.28
CA PHE B 164 16.19 -5.77 -9.01
C PHE B 164 16.86 -6.67 -7.99
N GLN B 165 16.41 -6.57 -6.73
CA GLN B 165 16.83 -7.42 -5.63
C GLN B 165 15.63 -8.24 -5.17
N PRO B 166 15.84 -9.49 -4.73
CA PRO B 166 14.68 -10.34 -4.40
C PRO B 166 13.80 -9.80 -3.28
N THR B 167 14.35 -8.98 -2.37
CA THR B 167 13.59 -8.45 -1.25
C THR B 167 12.82 -7.18 -1.61
N ASN B 168 12.91 -6.70 -2.85
CA ASN B 168 12.11 -5.57 -3.29
C ASN B 168 10.64 -5.83 -3.03
N GLY B 169 9.90 -4.77 -2.67
CA GLY B 169 8.45 -4.85 -2.75
C GLY B 169 8.00 -5.18 -4.16
N VAL B 170 6.78 -5.74 -4.28
CA VAL B 170 6.33 -6.26 -5.57
C VAL B 170 6.39 -5.18 -6.65
N GLY B 171 6.07 -3.94 -6.29
CA GLY B 171 6.10 -2.87 -7.26
C GLY B 171 7.49 -2.52 -7.75
N TYR B 172 8.51 -2.95 -7.03
CA TYR B 172 9.89 -2.76 -7.43
C TYR B 172 10.50 -4.03 -7.99
N GLN B 173 9.72 -5.09 -8.10
CA GLN B 173 10.21 -6.33 -8.67
C GLN B 173 10.10 -6.31 -10.20
N PRO B 174 10.91 -7.11 -10.88
CA PRO B 174 10.86 -7.16 -12.34
C PRO B 174 9.63 -7.90 -12.83
N TYR B 175 9.02 -7.37 -13.89
CA TYR B 175 7.91 -7.99 -14.59
C TYR B 175 8.30 -8.15 -16.05
N ARG B 176 8.06 -9.32 -16.60
CA ARG B 176 8.25 -9.54 -18.02
C ARG B 176 6.94 -9.17 -18.71
N VAL B 177 7.06 -8.49 -19.84
CA VAL B 177 5.91 -7.95 -20.55
C VAL B 177 5.98 -8.41 -22.00
N VAL B 178 4.88 -8.92 -22.54
CA VAL B 178 4.74 -9.19 -23.97
C VAL B 178 3.54 -8.40 -24.49
N VAL B 179 3.76 -7.56 -25.49
CA VAL B 179 2.67 -6.85 -26.16
C VAL B 179 2.45 -7.51 -27.51
N LEU B 180 1.26 -8.08 -27.71
CA LEU B 180 0.87 -8.64 -29.01
C LEU B 180 0.15 -7.56 -29.81
N SER B 181 0.61 -7.33 -31.03
CA SER B 181 -0.12 -6.51 -31.97
C SER B 181 -0.37 -7.32 -33.23
N PHE B 182 -1.30 -6.83 -34.03
CA PHE B 182 -1.85 -7.59 -35.15
C PHE B 182 -1.83 -6.71 -36.38
N GLU B 183 -1.59 -7.34 -37.53
CA GLU B 183 -1.42 -6.60 -38.77
C GLU B 183 -2.31 -7.20 -39.85
N LEU B 184 -3.04 -6.33 -40.55
CA LEU B 184 -3.97 -6.70 -41.62
C LEU B 184 -3.66 -5.85 -42.84
N LEU B 185 -3.10 -6.48 -43.87
CA LEU B 185 -2.78 -5.84 -45.13
C LEU B 185 -3.53 -6.54 -46.25
N HIS B 186 -3.46 -5.95 -47.44
CA HIS B 186 -3.90 -6.61 -48.68
C HIS B 186 -2.82 -7.61 -49.12
N ALA B 187 -2.73 -8.69 -48.33
CA ALA B 187 -1.71 -9.70 -48.47
C ALA B 187 -2.29 -11.00 -47.94
N PRO B 188 -1.72 -12.15 -48.33
CA PRO B 188 -2.21 -13.42 -47.76
C PRO B 188 -2.17 -13.40 -46.25
N ALA B 189 -3.17 -14.02 -45.64
CA ALA B 189 -3.24 -14.14 -44.19
C ALA B 189 -2.47 -15.38 -43.77
N THR B 190 -1.51 -15.23 -42.85
CA THR B 190 -0.65 -16.35 -42.49
C THR B 190 -0.76 -16.79 -41.03
N VAL B 191 -1.42 -16.03 -40.15
CA VAL B 191 -1.63 -16.46 -38.76
C VAL B 191 -3.13 -16.53 -38.49
N CYS B 192 -3.67 -17.74 -38.36
CA CYS B 192 -5.09 -17.94 -38.12
C CYS B 192 -5.29 -18.70 -36.81
N GLY B 193 -6.50 -18.63 -36.27
CA GLY B 193 -6.84 -19.38 -35.09
C GLY B 193 -7.02 -20.86 -35.42
N PRO B 194 -7.20 -21.70 -34.40
CA PRO B 194 -7.36 -23.14 -34.64
C PRO B 194 -8.77 -23.51 -35.12
N VAL C 2 -31.20 -22.18 10.18
CA VAL C 2 -30.23 -21.09 10.10
C VAL C 2 -30.37 -20.33 8.80
N GLN C 3 -30.73 -19.05 8.86
CA GLN C 3 -30.88 -18.31 7.62
C GLN C 3 -30.68 -16.81 7.85
N LEU C 4 -30.32 -16.14 6.76
CA LEU C 4 -30.34 -14.68 6.64
C LEU C 4 -31.24 -14.31 5.47
N VAL C 5 -32.22 -13.46 5.72
CA VAL C 5 -33.27 -13.13 4.74
C VAL C 5 -33.31 -11.61 4.59
N GLU C 6 -32.88 -11.11 3.43
CA GLU C 6 -32.86 -9.69 3.16
C GLU C 6 -34.20 -9.24 2.60
N SER C 7 -34.53 -7.97 2.82
CA SER C 7 -35.69 -7.35 2.20
C SER C 7 -35.49 -5.83 2.22
N GLY C 8 -36.43 -5.11 1.61
CA GLY C 8 -36.35 -3.67 1.52
C GLY C 8 -35.69 -3.12 0.26
N GLY C 9 -35.24 -3.97 -0.65
CA GLY C 9 -34.63 -3.50 -1.88
C GLY C 9 -35.66 -2.91 -2.81
N GLY C 10 -35.18 -2.45 -3.96
CA GLY C 10 -36.08 -1.96 -4.98
C GLY C 10 -35.37 -1.10 -6.01
N LEU C 11 -36.19 -0.49 -6.87
CA LEU C 11 -35.75 0.37 -7.97
C LEU C 11 -36.19 1.80 -7.66
N ILE C 12 -35.24 2.66 -7.31
CA ILE C 12 -35.59 3.99 -6.83
C ILE C 12 -34.94 5.07 -7.70
N GLN C 13 -35.56 6.26 -7.69
CA GLN C 13 -34.94 7.48 -8.16
C GLN C 13 -33.86 7.93 -7.17
N PRO C 14 -32.87 8.71 -7.63
CA PRO C 14 -31.88 9.26 -6.70
C PRO C 14 -32.51 10.42 -5.92
N GLY C 15 -31.80 10.85 -4.88
CA GLY C 15 -32.25 12.00 -4.10
C GLY C 15 -33.14 11.67 -2.93
N GLY C 16 -33.32 10.40 -2.61
CA GLY C 16 -34.07 9.99 -1.44
C GLY C 16 -33.24 9.05 -0.60
N SER C 17 -33.89 8.22 0.22
CA SER C 17 -33.20 7.26 1.07
C SER C 17 -33.85 5.90 0.94
N LEU C 18 -33.09 4.88 1.30
CA LEU C 18 -33.56 3.51 1.33
C LEU C 18 -32.95 2.83 2.56
N ARG C 19 -33.68 1.86 3.10
CA ARG C 19 -33.24 1.10 4.26
C ARG C 19 -33.43 -0.39 3.96
N LEU C 20 -32.34 -1.14 3.94
CA LEU C 20 -32.37 -2.58 3.78
C LEU C 20 -32.40 -3.27 5.14
N SER C 21 -33.07 -4.41 5.21
CA SER C 21 -33.12 -5.18 6.45
C SER C 21 -32.70 -6.62 6.17
N CYS C 22 -32.14 -7.26 7.21
CA CYS C 22 -31.72 -8.66 7.12
C CYS C 22 -32.14 -9.36 8.39
N ALA C 23 -33.11 -10.27 8.29
CA ALA C 23 -33.66 -10.95 9.44
C ALA C 23 -32.93 -12.28 9.61
N ALA C 24 -32.31 -12.48 10.76
CA ALA C 24 -31.55 -13.69 11.03
C ALA C 24 -32.37 -14.67 11.86
N SER C 25 -32.08 -15.96 11.67
CA SER C 25 -32.58 -17.04 12.51
C SER C 25 -31.39 -17.87 12.95
N GLU C 26 -31.44 -18.34 14.21
CA GLU C 26 -30.40 -19.14 14.87
C GLU C 26 -29.14 -18.30 15.11
N ILE C 27 -28.53 -17.77 14.05
CA ILE C 27 -27.50 -16.76 14.21
C ILE C 27 -28.07 -15.55 14.93
N ILE C 28 -27.38 -15.09 15.96
CA ILE C 28 -27.80 -13.92 16.75
C ILE C 28 -26.98 -12.72 16.26
N VAL C 29 -27.67 -11.76 15.61
CA VAL C 29 -26.98 -10.64 14.94
C VAL C 29 -26.01 -9.95 15.89
N SER C 30 -26.48 -9.62 17.10
CA SER C 30 -25.67 -8.85 18.04
C SER C 30 -24.47 -9.62 18.59
N SER C 31 -24.38 -10.93 18.39
CA SER C 31 -23.21 -11.71 18.85
C SER C 31 -22.17 -11.93 17.75
N ASN C 32 -22.39 -11.43 16.54
CA ASN C 32 -21.60 -11.78 15.37
C ASN C 32 -21.08 -10.55 14.66
N TYR C 33 -19.99 -10.76 13.91
CA TYR C 33 -19.49 -9.83 12.90
C TYR C 33 -20.43 -9.92 11.70
N MET C 34 -21.36 -8.97 11.60
CA MET C 34 -22.39 -8.97 10.56
C MET C 34 -22.08 -7.89 9.54
N SER C 35 -22.23 -8.22 8.25
CA SER C 35 -21.77 -7.33 7.18
C SER C 35 -22.80 -7.21 6.07
N TRP C 36 -22.57 -6.21 5.22
CA TRP C 36 -23.21 -6.10 3.93
C TRP C 36 -22.13 -6.22 2.87
N VAL C 37 -22.34 -7.12 1.92
CA VAL C 37 -21.48 -7.29 0.76
C VAL C 37 -22.34 -7.10 -0.47
N ARG C 38 -21.88 -6.30 -1.42
CA ARG C 38 -22.70 -5.99 -2.58
C ARG C 38 -21.98 -6.40 -3.86
N GLN C 39 -22.76 -6.52 -4.94
CA GLN C 39 -22.24 -6.98 -6.23
C GLN C 39 -22.96 -6.23 -7.34
N ALA C 40 -22.27 -5.34 -8.04
CA ALA C 40 -22.88 -4.64 -9.16
C ALA C 40 -23.13 -5.60 -10.31
N PRO C 41 -24.19 -5.37 -11.11
CA PRO C 41 -24.52 -6.30 -12.20
C PRO C 41 -23.31 -6.61 -13.09
N GLY C 42 -22.96 -7.89 -13.20
CA GLY C 42 -21.83 -8.30 -14.02
C GLY C 42 -20.46 -8.06 -13.43
N LYS C 43 -20.35 -7.55 -12.21
CA LYS C 43 -19.06 -7.22 -11.63
C LYS C 43 -18.78 -8.10 -10.42
N GLY C 44 -17.74 -7.73 -9.66
CA GLY C 44 -17.24 -8.54 -8.56
C GLY C 44 -17.91 -8.19 -7.25
N LEU C 45 -17.30 -8.65 -6.15
CA LEU C 45 -17.86 -8.49 -4.81
C LEU C 45 -17.16 -7.35 -4.07
N GLU C 46 -17.94 -6.60 -3.27
CA GLU C 46 -17.38 -5.48 -2.50
C GLU C 46 -17.94 -5.50 -1.08
N TRP C 47 -17.05 -5.66 -0.10
CA TRP C 47 -17.40 -5.60 1.31
C TRP C 47 -17.68 -4.14 1.69
N VAL C 48 -18.92 -3.85 2.04
CA VAL C 48 -19.39 -2.47 2.17
C VAL C 48 -19.32 -1.97 3.62
N SER C 49 -19.75 -2.78 4.58
CA SER C 49 -19.69 -2.36 5.98
C SER C 49 -19.79 -3.59 6.87
N VAL C 50 -19.37 -3.41 8.12
CA VAL C 50 -19.41 -4.48 9.10
C VAL C 50 -19.77 -3.88 10.45
N LEU C 51 -20.56 -4.64 11.22
CA LEU C 51 -20.97 -4.27 12.57
C LEU C 51 -20.45 -5.33 13.53
N TYR C 52 -19.58 -4.93 14.45
CA TYR C 52 -18.95 -5.86 15.39
C TYR C 52 -19.93 -6.26 16.48
N PRO C 53 -19.69 -7.39 17.15
CA PRO C 53 -20.54 -7.76 18.31
C PRO C 53 -20.65 -6.67 19.36
N GLY C 54 -19.53 -6.03 19.71
CA GLY C 54 -19.51 -4.95 20.70
C GLY C 54 -20.03 -3.62 20.21
N GLY C 55 -20.26 -3.47 18.90
CA GLY C 55 -20.95 -2.29 18.39
C GLY C 55 -20.14 -1.40 17.46
N SER C 56 -18.84 -1.64 17.30
CA SER C 56 -18.06 -0.83 16.36
C SER C 56 -18.50 -1.11 14.92
N THR C 57 -18.50 -0.06 14.10
CA THR C 57 -18.84 -0.15 12.70
C THR C 57 -17.68 0.33 11.86
N PHE C 58 -17.54 -0.24 10.66
CA PHE C 58 -16.50 0.15 9.73
C PHE C 58 -17.08 0.13 8.33
N TYR C 59 -16.59 1.01 7.47
CA TYR C 59 -17.18 1.21 6.16
C TYR C 59 -16.11 1.28 5.09
N ALA C 60 -16.44 0.76 3.91
CA ALA C 60 -15.62 1.02 2.74
C ALA C 60 -15.66 2.51 2.40
N ASP C 61 -14.52 3.03 1.93
CA ASP C 61 -14.44 4.43 1.51
C ASP C 61 -15.51 4.79 0.50
N SER C 62 -15.90 3.85 -0.37
CA SER C 62 -16.87 4.16 -1.41
C SER C 62 -18.26 4.51 -0.84
N VAL C 63 -18.56 4.12 0.41
CA VAL C 63 -19.86 4.40 1.01
C VAL C 63 -19.75 5.18 2.31
N LYS C 64 -18.55 5.46 2.80
CA LYS C 64 -18.41 6.11 4.09
C LYS C 64 -19.11 7.48 4.08
N GLY C 65 -19.92 7.73 5.11
CA GLY C 65 -20.66 8.97 5.20
C GLY C 65 -21.96 8.99 4.41
N ARG C 66 -22.27 7.96 3.63
CA ARG C 66 -23.54 7.85 2.94
C ARG C 66 -24.39 6.68 3.40
N PHE C 67 -23.77 5.58 3.84
CA PHE C 67 -24.47 4.41 4.35
C PHE C 67 -24.22 4.28 5.85
N THR C 68 -25.18 3.71 6.56
CA THR C 68 -25.03 3.35 7.97
C THR C 68 -25.52 1.93 8.20
N ILE C 69 -24.74 1.16 8.96
CA ILE C 69 -25.14 -0.19 9.37
C ILE C 69 -25.59 -0.14 10.82
N SER C 70 -26.65 -0.88 11.16
CA SER C 70 -27.13 -0.96 12.53
C SER C 70 -27.88 -2.27 12.70
N ARG C 71 -28.34 -2.53 13.92
CA ARG C 71 -29.07 -3.74 14.23
C ARG C 71 -30.14 -3.45 15.28
N ASP C 72 -31.16 -4.29 15.31
CA ASP C 72 -32.22 -4.26 16.33
C ASP C 72 -32.19 -5.61 17.02
N ASN C 73 -31.76 -5.61 18.29
CA ASN C 73 -31.56 -6.87 18.98
C ASN C 73 -32.90 -7.58 19.23
N SER C 74 -33.94 -6.83 19.53
CA SER C 74 -35.23 -7.46 19.82
C SER C 74 -35.80 -8.16 18.61
N ARG C 75 -35.50 -7.67 17.40
CA ARG C 75 -35.95 -8.30 16.17
C ARG C 75 -34.90 -9.18 15.51
N ASN C 76 -33.72 -9.31 16.11
CA ASN C 76 -32.60 -10.07 15.55
C ASN C 76 -32.43 -9.76 14.07
N THR C 77 -32.25 -8.46 13.78
CA THR C 77 -32.22 -7.98 12.41
C THR C 77 -31.11 -6.96 12.23
N LEU C 78 -30.42 -7.06 11.09
CA LEU C 78 -29.40 -6.12 10.67
C LEU C 78 -29.98 -5.21 9.59
N TYR C 79 -29.54 -3.94 9.59
CA TYR C 79 -30.03 -2.94 8.66
C TYR C 79 -28.88 -2.28 7.92
N LEU C 80 -29.14 -1.88 6.67
CA LEU C 80 -28.24 -0.98 5.96
C LEU C 80 -29.05 0.24 5.57
N HIS C 81 -28.71 1.39 6.15
CA HIS C 81 -29.39 2.65 5.90
C HIS C 81 -28.65 3.36 4.77
N MET C 82 -29.26 3.41 3.59
CA MET C 82 -28.64 4.06 2.44
C MET C 82 -29.22 5.47 2.32
N LYS C 83 -28.51 6.43 2.90
CA LYS C 83 -28.89 7.84 2.83
C LYS C 83 -28.26 8.46 1.59
N SER C 84 -29.09 9.00 0.71
CA SER C 84 -28.59 9.47 -0.59
C SER C 84 -27.86 8.36 -1.32
N PRO C 85 -28.59 7.42 -1.93
CA PRO C 85 -27.97 6.48 -2.84
C PRO C 85 -27.67 7.14 -4.18
N ARG C 86 -26.70 6.60 -4.88
CA ARG C 86 -26.30 7.09 -6.19
C ARG C 86 -26.37 5.94 -7.19
N ALA C 87 -26.35 6.27 -8.49
CA ALA C 87 -26.43 5.26 -9.51
C ALA C 87 -25.35 4.18 -9.32
N GLU C 88 -24.15 4.59 -8.90
CA GLU C 88 -23.03 3.67 -8.68
C GLU C 88 -23.29 2.69 -7.55
N ASP C 89 -24.33 2.88 -6.75
CA ASP C 89 -24.69 1.94 -5.71
C ASP C 89 -25.61 0.83 -6.21
N THR C 90 -25.98 0.85 -7.48
CA THR C 90 -26.79 -0.23 -8.05
C THR C 90 -26.06 -1.56 -7.92
N ALA C 91 -26.68 -2.51 -7.23
CA ALA C 91 -26.06 -3.80 -6.94
C ALA C 91 -27.06 -4.70 -6.24
N VAL C 92 -26.76 -6.00 -6.24
CA VAL C 92 -27.37 -6.96 -5.31
C VAL C 92 -26.65 -6.80 -3.98
N TYR C 93 -27.42 -6.66 -2.88
CA TYR C 93 -26.85 -6.48 -1.54
C TYR C 93 -27.06 -7.75 -0.73
N TYR C 94 -25.96 -8.34 -0.27
CA TYR C 94 -26.01 -9.54 0.56
C TYR C 94 -25.71 -9.19 2.01
N CYS C 95 -26.47 -9.80 2.90
CA CYS C 95 -26.19 -9.85 4.33
C CYS C 95 -25.31 -11.08 4.63
N THR C 96 -24.22 -10.90 5.39
CA THR C 96 -23.32 -12.01 5.69
C THR C 96 -22.92 -12.02 7.15
N ARG C 97 -22.67 -13.22 7.66
CA ARG C 97 -22.00 -13.43 8.94
C ARG C 97 -20.56 -13.82 8.65
N ALA C 98 -19.63 -13.25 9.41
CA ALA C 98 -18.21 -13.52 9.24
C ALA C 98 -17.69 -14.29 10.44
N LEU C 99 -16.88 -15.32 10.16
CA LEU C 99 -16.41 -16.23 11.19
C LEU C 99 -14.91 -16.10 11.33
N TRP C 100 -14.11 -16.94 10.66
CA TRP C 100 -12.65 -16.95 10.81
C TRP C 100 -12.07 -15.56 10.60
N GLU C 101 -11.27 -15.12 11.56
CA GLU C 101 -10.66 -13.78 11.61
C GLU C 101 -11.70 -12.66 11.57
N GLY C 102 -12.98 -12.97 11.75
CA GLY C 102 -13.98 -11.91 11.69
C GLY C 102 -14.26 -11.39 10.30
N ALA C 103 -13.76 -12.06 9.26
CA ALA C 103 -13.97 -11.60 7.90
C ALA C 103 -14.23 -12.71 6.89
N THR C 104 -14.39 -13.96 7.33
CA THR C 104 -14.65 -15.08 6.43
C THR C 104 -16.15 -15.38 6.45
N PHE C 105 -16.81 -15.24 5.31
CA PHE C 105 -18.28 -15.19 5.26
C PHE C 105 -18.81 -16.59 5.01
N ASP C 106 -19.21 -17.28 6.09
CA ASP C 106 -19.73 -18.63 5.93
C ASP C 106 -21.22 -18.66 5.64
N TYR C 107 -21.96 -17.61 6.02
CA TYR C 107 -23.40 -17.57 5.79
C TYR C 107 -23.74 -16.28 5.06
N TRP C 108 -24.55 -16.41 4.01
CA TRP C 108 -24.96 -15.31 3.15
C TRP C 108 -26.48 -15.34 3.03
N GLY C 109 -27.09 -14.17 2.97
CA GLY C 109 -28.48 -14.11 2.56
C GLY C 109 -28.61 -14.36 1.07
N GLN C 110 -29.86 -14.48 0.62
CA GLN C 110 -30.11 -14.63 -0.81
C GLN C 110 -29.84 -13.34 -1.59
N GLY C 111 -29.69 -12.21 -0.91
CA GLY C 111 -29.44 -11.01 -1.67
C GLY C 111 -30.72 -10.29 -2.03
N THR C 112 -30.64 -8.97 -2.09
CA THR C 112 -31.76 -8.18 -2.57
C THR C 112 -31.22 -7.13 -3.53
N LEU C 113 -31.96 -6.88 -4.61
CA LEU C 113 -31.47 -5.97 -5.62
C LEU C 113 -31.85 -4.54 -5.26
N VAL C 114 -30.89 -3.63 -5.42
CA VAL C 114 -31.14 -2.20 -5.32
C VAL C 114 -30.68 -1.54 -6.60
N THR C 115 -31.58 -0.81 -7.25
CA THR C 115 -31.29 -0.10 -8.48
C THR C 115 -31.59 1.36 -8.29
N VAL C 116 -30.61 2.21 -8.59
CA VAL C 116 -30.73 3.65 -8.47
C VAL C 116 -30.55 4.21 -9.87
N SER C 117 -31.55 4.96 -10.34
CA SER C 117 -31.52 5.50 -11.68
C SER C 117 -30.64 6.76 -11.72
N SER C 118 -30.28 7.17 -12.93
CA SER C 118 -29.35 8.27 -13.13
C SER C 118 -29.91 9.62 -12.67
N ASP C 138 -2.28 -0.79 1.77
CA ASP C 138 -3.32 -1.49 1.02
C ASP C 138 -2.72 -2.61 0.16
N ILE C 139 -3.24 -3.82 0.35
CA ILE C 139 -2.71 -5.00 -0.31
C ILE C 139 -3.62 -5.35 -1.49
N GLN C 140 -3.05 -5.41 -2.68
CA GLN C 140 -3.81 -5.69 -3.90
C GLN C 140 -3.84 -7.19 -4.17
N LEU C 141 -4.93 -7.64 -4.78
CA LEU C 141 -5.19 -9.04 -5.04
C LEU C 141 -5.49 -9.19 -6.52
N THR C 142 -4.67 -9.98 -7.22
CA THR C 142 -4.85 -10.23 -8.65
C THR C 142 -5.18 -11.69 -8.87
N GLN C 143 -6.31 -11.96 -9.50
CA GLN C 143 -6.79 -13.31 -9.76
C GLN C 143 -6.64 -13.64 -11.25
N SER C 144 -6.01 -14.79 -11.54
CA SER C 144 -5.73 -15.22 -12.90
C SER C 144 -6.10 -16.68 -13.10
N PRO C 145 -6.69 -17.04 -14.25
CA PRO C 145 -7.13 -16.16 -15.33
C PRO C 145 -8.46 -15.50 -14.98
N SER C 146 -8.94 -14.56 -15.80
CA SER C 146 -10.26 -13.98 -15.63
C SER C 146 -11.34 -14.90 -16.15
N PHE C 147 -11.01 -15.69 -17.16
CA PHE C 147 -11.95 -16.52 -17.87
C PHE C 147 -11.27 -17.85 -18.16
N LEU C 148 -12.01 -18.93 -17.94
CA LEU C 148 -11.48 -20.27 -18.07
C LEU C 148 -12.53 -21.14 -18.75
N SER C 149 -12.23 -21.62 -19.95
CA SER C 149 -13.06 -22.61 -20.63
C SER C 149 -12.43 -23.97 -20.42
N ALA C 150 -13.24 -24.96 -20.04
CA ALA C 150 -12.73 -26.29 -19.72
C ALA C 150 -13.85 -27.30 -19.92
N SER C 151 -13.48 -28.57 -19.85
CA SER C 151 -14.41 -29.68 -20.05
C SER C 151 -14.54 -30.48 -18.76
N VAL C 152 -15.68 -31.17 -18.63
CA VAL C 152 -15.86 -32.12 -17.53
C VAL C 152 -14.68 -33.07 -17.52
N GLY C 153 -14.13 -33.30 -16.32
CA GLY C 153 -12.99 -34.18 -16.14
C GLY C 153 -11.66 -33.46 -16.07
N ASP C 154 -11.57 -32.26 -16.64
CA ASP C 154 -10.34 -31.48 -16.59
C ASP C 154 -9.92 -31.13 -15.16
N ARG C 155 -8.62 -31.11 -14.93
CA ARG C 155 -8.06 -30.54 -13.71
C ARG C 155 -7.69 -29.10 -14.02
N ILE C 156 -8.27 -28.15 -13.27
CA ILE C 156 -8.03 -26.74 -13.53
C ILE C 156 -7.42 -26.08 -12.31
N THR C 157 -6.70 -25.00 -12.54
CA THR C 157 -6.09 -24.24 -11.47
C THR C 157 -6.42 -22.77 -11.64
N ILE C 158 -6.67 -22.10 -10.52
CA ILE C 158 -6.92 -20.68 -10.48
C ILE C 158 -5.97 -20.10 -9.45
N THR C 159 -5.32 -18.99 -9.80
CA THR C 159 -4.27 -18.44 -8.96
C THR C 159 -4.59 -17.02 -8.54
N CYS C 160 -4.36 -16.75 -7.26
CA CYS C 160 -4.61 -15.47 -6.65
C CYS C 160 -3.28 -14.96 -6.10
N ARG C 161 -2.89 -13.75 -6.48
CA ARG C 161 -1.62 -13.18 -6.09
C ARG C 161 -1.84 -11.88 -5.31
N ALA C 162 -1.16 -11.76 -4.16
CA ALA C 162 -1.24 -10.59 -3.30
C ALA C 162 0.03 -9.78 -3.39
N SER C 163 -0.10 -8.45 -3.29
CA SER C 163 1.05 -7.57 -3.44
C SER C 163 1.98 -7.59 -2.23
N GLN C 164 1.54 -8.12 -1.09
CA GLN C 164 2.43 -8.35 0.06
C GLN C 164 2.05 -9.66 0.73
N GLY C 165 2.99 -10.23 1.47
CA GLY C 165 2.73 -11.45 2.21
C GLY C 165 1.55 -11.34 3.14
N ILE C 166 0.51 -12.15 2.90
CA ILE C 166 -0.69 -12.19 3.74
C ILE C 166 -0.83 -13.53 4.45
N SER C 167 0.27 -14.26 4.59
CA SER C 167 0.30 -15.44 5.46
C SER C 167 -0.72 -16.43 4.93
N SER C 168 -1.68 -16.89 5.73
CA SER C 168 -2.72 -17.76 5.24
C SER C 168 -4.09 -17.08 5.23
N TYR C 169 -4.11 -15.74 5.16
CA TYR C 169 -5.36 -15.01 5.30
C TYR C 169 -6.05 -14.91 3.94
N LEU C 170 -6.47 -16.07 3.46
CA LEU C 170 -7.14 -16.12 2.17
C LEU C 170 -8.26 -17.15 2.19
N ALA C 171 -9.36 -16.82 1.53
CA ALA C 171 -10.51 -17.68 1.39
C ALA C 171 -10.94 -17.74 -0.07
N TRP C 172 -11.65 -18.80 -0.42
CA TRP C 172 -12.15 -19.03 -1.77
C TRP C 172 -13.65 -19.24 -1.72
N TYR C 173 -14.38 -18.62 -2.67
CA TYR C 173 -15.83 -18.69 -2.77
C TYR C 173 -16.23 -19.15 -4.16
N GLN C 174 -17.33 -19.87 -4.24
CA GLN C 174 -17.93 -20.29 -5.50
C GLN C 174 -19.30 -19.62 -5.63
N GLN C 175 -19.58 -19.02 -6.79
CA GLN C 175 -20.87 -18.36 -7.01
C GLN C 175 -21.49 -18.87 -8.29
N LYS C 176 -22.60 -19.56 -8.16
CA LYS C 176 -23.34 -19.98 -9.33
C LYS C 176 -24.28 -18.86 -9.79
N PRO C 177 -24.71 -18.90 -11.04
CA PRO C 177 -25.59 -17.84 -11.56
C PRO C 177 -26.86 -17.69 -10.74
N GLY C 178 -27.16 -16.44 -10.38
CA GLY C 178 -28.35 -16.15 -9.62
C GLY C 178 -28.27 -16.40 -8.13
N LYS C 179 -27.15 -16.91 -7.62
CA LYS C 179 -27.05 -17.30 -6.22
C LYS C 179 -25.98 -16.49 -5.51
N ALA C 180 -26.06 -16.52 -4.18
CA ALA C 180 -25.04 -15.88 -3.36
C ALA C 180 -23.73 -16.68 -3.45
N PRO C 181 -22.59 -16.03 -3.23
CA PRO C 181 -21.34 -16.78 -3.13
C PRO C 181 -21.40 -17.78 -1.98
N LYS C 182 -20.60 -18.84 -2.11
CA LYS C 182 -20.56 -19.90 -1.13
C LYS C 182 -19.11 -20.17 -0.76
N LEU C 183 -18.82 -20.11 0.54
CA LEU C 183 -17.45 -20.33 1.01
C LEU C 183 -17.03 -21.76 0.72
N LEU C 184 -15.87 -21.93 0.07
CA LEU C 184 -15.32 -23.25 -0.19
C LEU C 184 -14.16 -23.58 0.72
N ILE C 185 -13.24 -22.64 0.90
CA ILE C 185 -11.96 -22.85 1.57
C ILE C 185 -11.62 -21.58 2.33
N TYR C 186 -11.12 -21.75 3.56
CA TYR C 186 -10.60 -20.63 4.33
C TYR C 186 -9.23 -20.98 4.89
N ALA C 187 -8.53 -19.97 5.41
CA ALA C 187 -7.15 -20.15 5.86
C ALA C 187 -6.30 -20.80 4.77
N ALA C 188 -6.55 -20.40 3.52
CA ALA C 188 -5.80 -20.83 2.34
C ALA C 188 -6.07 -22.28 1.93
N SER C 189 -6.20 -23.20 2.89
CA SER C 189 -6.22 -24.62 2.55
C SER C 189 -7.26 -25.44 3.29
N THR C 190 -7.98 -24.88 4.25
CA THR C 190 -8.96 -25.64 5.01
C THR C 190 -10.30 -25.68 4.29
N LEU C 191 -10.76 -26.87 3.93
CA LEU C 191 -12.05 -27.00 3.28
C LEU C 191 -13.17 -26.69 4.26
N GLN C 192 -14.16 -25.94 3.80
CA GLN C 192 -15.39 -25.82 4.54
C GLN C 192 -16.05 -27.19 4.66
N SER C 193 -16.74 -27.42 5.77
CA SER C 193 -17.44 -28.68 5.94
C SER C 193 -18.40 -28.93 4.79
N GLY C 194 -18.39 -30.13 4.23
CA GLY C 194 -19.30 -30.50 3.16
C GLY C 194 -18.81 -30.25 1.75
N VAL C 195 -17.70 -29.53 1.57
CA VAL C 195 -17.17 -29.31 0.22
C VAL C 195 -16.46 -30.58 -0.26
N PRO C 196 -16.68 -31.03 -1.50
CA PRO C 196 -16.04 -32.28 -1.96
C PRO C 196 -14.51 -32.14 -2.04
N SER C 197 -13.82 -33.30 -1.96
CA SER C 197 -12.36 -33.28 -1.87
C SER C 197 -11.69 -32.88 -3.18
N ARG C 198 -12.42 -32.88 -4.30
CA ARG C 198 -11.80 -32.45 -5.56
C ARG C 198 -11.43 -30.97 -5.54
N PHE C 199 -11.96 -30.19 -4.60
CA PHE C 199 -11.51 -28.82 -4.39
C PHE C 199 -10.39 -28.83 -3.36
N SER C 200 -9.28 -28.19 -3.67
CA SER C 200 -8.22 -28.00 -2.69
C SER C 200 -7.55 -26.64 -2.89
N GLY C 201 -7.10 -26.06 -1.80
CA GLY C 201 -6.39 -24.79 -1.84
C GLY C 201 -4.99 -24.98 -1.31
N SER C 202 -4.02 -24.29 -1.93
CA SER C 202 -2.67 -24.29 -1.43
C SER C 202 -2.10 -22.89 -1.51
N GLY C 203 -0.91 -22.73 -0.94
CA GLY C 203 -0.14 -21.52 -1.00
C GLY C 203 -0.16 -20.77 0.32
N SER C 204 0.73 -19.80 0.40
CA SER C 204 0.79 -18.87 1.52
C SER C 204 1.71 -17.74 1.10
N GLY C 205 1.66 -16.64 1.84
CA GLY C 205 2.46 -15.49 1.48
C GLY C 205 1.81 -14.68 0.38
N THR C 206 2.31 -14.78 -0.85
CA THR C 206 1.82 -13.93 -1.93
C THR C 206 1.16 -14.68 -3.08
N GLU C 207 1.18 -16.01 -3.08
CA GLU C 207 0.61 -16.78 -4.19
C GLU C 207 -0.24 -17.92 -3.63
N PHE C 208 -1.48 -17.98 -4.08
CA PHE C 208 -2.46 -18.97 -3.64
C PHE C 208 -3.13 -19.58 -4.86
N THR C 209 -3.42 -20.88 -4.79
CA THR C 209 -4.01 -21.59 -5.91
C THR C 209 -5.19 -22.42 -5.44
N LEU C 210 -6.31 -22.29 -6.14
CA LEU C 210 -7.44 -23.19 -6.01
C LEU C 210 -7.36 -24.20 -7.14
N THR C 211 -7.37 -25.49 -6.81
CA THR C 211 -7.32 -26.55 -7.81
C THR C 211 -8.63 -27.33 -7.75
N ILE C 212 -9.24 -27.56 -8.90
CA ILE C 212 -10.34 -28.50 -9.00
C ILE C 212 -9.82 -29.69 -9.80
N SER C 213 -9.66 -30.82 -9.11
CA SER C 213 -8.88 -31.92 -9.66
C SER C 213 -9.60 -32.68 -10.77
N SER C 214 -10.93 -32.60 -10.83
CA SER C 214 -11.66 -33.35 -11.86
C SER C 214 -13.05 -32.72 -11.98
N LEU C 215 -13.18 -31.81 -12.94
CA LEU C 215 -14.32 -30.89 -13.01
C LEU C 215 -15.62 -31.64 -13.24
N GLN C 216 -16.64 -31.31 -12.42
CA GLN C 216 -18.01 -31.83 -12.53
C GLN C 216 -18.94 -30.77 -13.10
N PRO C 217 -20.04 -31.16 -13.75
CA PRO C 217 -20.92 -30.15 -14.36
C PRO C 217 -21.44 -29.10 -13.38
N GLU C 218 -21.71 -29.49 -12.13
CA GLU C 218 -22.16 -28.54 -11.11
C GLU C 218 -21.05 -27.56 -10.71
N ASP C 219 -19.79 -27.79 -11.09
CA ASP C 219 -18.68 -26.94 -10.70
C ASP C 219 -18.53 -25.70 -11.57
N PHE C 220 -19.27 -25.59 -12.67
CA PHE C 220 -19.09 -24.43 -13.52
C PHE C 220 -19.77 -23.25 -12.85
N ALA C 221 -19.00 -22.18 -12.64
CA ALA C 221 -19.42 -21.09 -11.75
C ALA C 221 -18.36 -20.00 -11.86
N THR C 222 -18.54 -18.96 -11.07
CA THR C 222 -17.50 -17.94 -10.90
C THR C 222 -16.87 -18.10 -9.53
N TYR C 223 -15.53 -18.16 -9.50
CA TYR C 223 -14.80 -18.32 -8.25
C TYR C 223 -14.09 -17.03 -7.89
N TYR C 224 -14.13 -16.69 -6.60
CA TYR C 224 -13.47 -15.50 -6.05
C TYR C 224 -12.53 -15.90 -4.93
N CYS C 225 -11.32 -15.34 -4.97
CA CYS C 225 -10.50 -15.33 -3.77
C CYS C 225 -10.77 -14.07 -2.96
N GLN C 226 -10.47 -14.15 -1.67
CA GLN C 226 -10.69 -13.05 -0.75
C GLN C 226 -9.48 -12.93 0.18
N HIS C 227 -8.90 -11.74 0.27
CA HIS C 227 -7.96 -11.42 1.34
C HIS C 227 -8.76 -11.18 2.60
N VAL C 228 -8.63 -12.09 3.57
CA VAL C 228 -9.36 -12.02 4.81
C VAL C 228 -8.70 -10.96 5.68
N ASN C 229 -9.20 -9.73 5.61
CA ASN C 229 -8.62 -8.63 6.37
C ASN C 229 -9.65 -8.06 7.33
N SER C 230 -9.21 -7.20 8.25
CA SER C 230 -10.10 -6.83 9.34
C SER C 230 -11.14 -5.78 8.95
N PHE C 231 -10.93 -5.03 7.87
CA PHE C 231 -11.83 -3.92 7.59
C PHE C 231 -12.29 -3.92 6.15
N PRO C 232 -13.53 -3.46 5.88
CA PRO C 232 -13.97 -3.33 4.50
C PRO C 232 -13.14 -2.30 3.76
N GLY C 233 -12.85 -2.59 2.51
CA GLY C 233 -11.99 -1.79 1.68
C GLY C 233 -12.21 -2.17 0.24
N PRO C 234 -11.32 -1.72 -0.66
CA PRO C 234 -11.58 -1.89 -2.09
C PRO C 234 -11.04 -3.20 -2.64
N TYR C 235 -9.96 -3.73 -2.06
CA TYR C 235 -9.27 -4.88 -2.61
C TYR C 235 -9.53 -6.16 -1.82
N THR C 236 -10.61 -6.20 -1.05
CA THR C 236 -10.90 -7.40 -0.26
C THR C 236 -10.98 -8.65 -1.14
N PHE C 237 -11.64 -8.54 -2.30
CA PHE C 237 -11.92 -9.67 -3.16
C PHE C 237 -11.09 -9.60 -4.44
N GLY C 238 -10.65 -10.76 -4.93
CA GLY C 238 -10.12 -10.83 -6.28
C GLY C 238 -11.21 -10.57 -7.31
N GLN C 239 -10.77 -10.29 -8.55
CA GLN C 239 -11.69 -9.96 -9.63
C GLN C 239 -12.53 -11.14 -10.10
N GLY C 240 -12.22 -12.36 -9.68
CA GLY C 240 -13.09 -13.45 -10.07
C GLY C 240 -12.59 -14.17 -11.32
N THR C 241 -12.87 -15.47 -11.38
CA THR C 241 -12.61 -16.29 -12.56
C THR C 241 -13.92 -16.94 -12.97
N LYS C 242 -14.35 -16.69 -14.23
CA LYS C 242 -15.53 -17.36 -14.78
C LYS C 242 -15.11 -18.70 -15.36
N LEU C 243 -15.65 -19.78 -14.81
CA LEU C 243 -15.34 -21.13 -15.28
C LEU C 243 -16.56 -21.69 -16.03
N GLU C 244 -16.44 -21.85 -17.35
CA GLU C 244 -17.57 -22.30 -18.13
C GLU C 244 -17.18 -23.42 -19.08
N ILE C 245 -18.19 -24.17 -19.50
CA ILE C 245 -18.00 -25.28 -20.43
C ILE C 245 -17.95 -24.79 -21.87
N ASN D 1 18.09 4.01 42.71
CA ASN D 1 18.34 2.93 41.76
C ASN D 1 17.72 3.26 40.41
N LEU D 2 18.26 2.69 39.34
CA LEU D 2 17.75 2.96 38.01
C LEU D 2 16.42 2.23 37.79
N CYS D 3 15.45 2.93 37.19
CA CYS D 3 14.18 2.29 36.87
C CYS D 3 14.43 1.11 35.92
N PRO D 4 13.77 -0.03 36.13
CA PRO D 4 14.09 -1.26 35.39
C PRO D 4 13.39 -1.35 34.04
N PHE D 5 13.54 -0.30 33.21
CA PHE D 5 12.96 -0.35 31.88
C PHE D 5 13.64 -1.42 31.02
N GLY D 6 14.89 -1.76 31.34
CA GLY D 6 15.55 -2.86 30.65
C GLY D 6 14.74 -4.13 30.67
N GLU D 7 14.21 -4.49 31.84
CA GLU D 7 13.42 -5.72 31.95
C GLU D 7 12.12 -5.66 31.16
N VAL D 8 11.62 -4.46 30.86
CA VAL D 8 10.37 -4.32 30.12
C VAL D 8 10.67 -4.34 28.63
N PHE D 9 11.54 -3.45 28.17
CA PHE D 9 11.75 -3.29 26.73
C PHE D 9 12.55 -4.43 26.15
N ASN D 10 13.51 -4.97 26.90
CA ASN D 10 14.42 -5.99 26.38
C ASN D 10 14.09 -7.38 26.91
N ALA D 11 12.89 -7.57 27.47
CA ALA D 11 12.48 -8.91 27.90
C ALA D 11 12.52 -9.88 26.73
N THR D 12 12.94 -11.11 27.01
CA THR D 12 13.02 -12.12 25.94
C THR D 12 11.64 -12.46 25.39
N ARG D 13 10.66 -12.63 26.29
CA ARG D 13 9.29 -12.99 25.91
C ARG D 13 8.34 -11.83 26.19
N PHE D 14 7.40 -11.62 25.28
CA PHE D 14 6.32 -10.67 25.47
C PHE D 14 5.01 -11.43 25.59
N ALA D 15 4.03 -10.77 26.22
CA ALA D 15 2.70 -11.34 26.42
C ALA D 15 1.88 -11.28 25.14
N SER D 16 0.90 -12.19 25.04
CA SER D 16 -0.15 -12.01 24.06
C SER D 16 -0.99 -10.80 24.45
N VAL D 17 -1.53 -10.11 23.44
CA VAL D 17 -2.22 -8.85 23.74
C VAL D 17 -3.42 -9.08 24.65
N TYR D 18 -4.12 -10.22 24.48
CA TYR D 18 -5.31 -10.47 25.28
C TYR D 18 -4.94 -10.65 26.76
N ALA D 19 -3.74 -11.14 27.01
CA ALA D 19 -3.21 -11.38 28.35
C ALA D 19 -2.10 -10.38 28.66
N TRP D 20 -2.32 -9.11 28.29
CA TRP D 20 -1.24 -8.14 28.31
C TRP D 20 -0.65 -8.03 29.71
N ASN D 21 0.67 -7.84 29.75
CA ASN D 21 1.41 -7.75 31.00
C ASN D 21 1.45 -6.31 31.50
N ARG D 22 1.45 -6.15 32.82
CA ARG D 22 1.61 -4.84 33.45
C ARG D 22 2.72 -4.91 34.50
N LYS D 23 3.66 -4.00 34.40
CA LYS D 23 4.77 -3.88 35.35
C LYS D 23 4.63 -2.52 36.02
N ARG D 24 4.48 -2.50 37.34
CA ARG D 24 4.44 -1.24 38.08
C ARG D 24 5.86 -0.78 38.35
N ILE D 25 6.15 0.48 38.08
CA ILE D 25 7.49 1.00 38.22
C ILE D 25 7.49 2.04 39.35
N SER D 26 8.41 1.90 40.30
CA SER D 26 8.39 2.79 41.45
C SER D 26 9.76 2.83 42.12
N ASN D 27 9.97 3.90 42.90
CA ASN D 27 11.15 4.05 43.75
C ASN D 27 12.44 3.94 42.94
N CYS D 28 12.55 4.79 41.92
CA CYS D 28 13.69 4.71 41.01
C CYS D 28 13.80 6.02 40.24
N VAL D 29 14.94 6.16 39.53
CA VAL D 29 15.21 7.29 38.66
C VAL D 29 15.26 6.82 37.21
N ALA D 30 14.74 7.65 36.31
CA ALA D 30 14.68 7.31 34.90
C ALA D 30 15.22 8.49 34.10
N ASP D 31 15.88 8.18 32.99
CA ASP D 31 16.19 9.20 31.99
C ASP D 31 15.44 8.85 30.72
N TYR D 32 14.29 9.48 30.52
CA TYR D 32 13.44 9.15 29.38
C TYR D 32 14.07 9.52 28.04
N SER D 33 15.07 10.40 28.03
CA SER D 33 15.77 10.72 26.79
C SER D 33 16.43 9.48 26.20
N VAL D 34 16.85 8.53 27.04
CA VAL D 34 17.35 7.26 26.51
C VAL D 34 16.27 6.56 25.70
N LEU D 35 15.01 6.74 26.07
CA LEU D 35 13.94 6.16 25.26
C LEU D 35 13.67 7.01 24.02
N TYR D 36 13.36 8.31 24.21
CA TYR D 36 12.86 9.04 23.06
C TYR D 36 13.95 9.36 22.04
N ASN D 37 15.23 9.30 22.43
CA ASN D 37 16.31 9.49 21.45
C ASN D 37 16.54 8.27 20.57
N SER D 38 15.90 7.14 20.88
CA SER D 38 16.26 5.86 20.25
C SER D 38 15.74 5.76 18.82
N ALA D 39 16.60 5.29 17.92
CA ALA D 39 16.21 5.04 16.54
C ALA D 39 15.52 3.69 16.38
N SER D 40 15.37 2.92 17.46
CA SER D 40 14.75 1.60 17.38
C SER D 40 13.23 1.63 17.33
N PHE D 41 12.59 2.69 17.82
CA PHE D 41 11.15 2.71 17.98
C PHE D 41 10.51 3.33 16.74
N SER D 42 9.61 2.57 16.09
CA SER D 42 8.90 3.11 14.94
C SER D 42 7.64 3.85 15.35
N THR D 43 7.14 3.62 16.56
CA THR D 43 6.08 4.42 17.15
C THR D 43 6.58 4.94 18.49
N PHE D 44 6.40 6.24 18.73
CA PHE D 44 6.67 6.84 20.05
C PHE D 44 5.73 8.03 20.13
N LYS D 45 4.52 7.78 20.63
CA LYS D 45 3.45 8.77 20.63
C LYS D 45 2.97 9.01 22.05
N CYS D 46 2.96 10.26 22.49
CA CYS D 46 2.61 10.60 23.86
C CYS D 46 1.36 11.47 23.88
N TYR D 47 0.60 11.34 24.96
CA TYR D 47 -0.68 11.99 25.13
C TYR D 47 -0.72 12.59 26.52
N GLY D 48 -1.06 13.88 26.61
CA GLY D 48 -1.07 14.58 27.87
C GLY D 48 0.29 14.90 28.46
N VAL D 49 1.36 14.29 27.96
CA VAL D 49 2.72 14.59 28.40
C VAL D 49 3.56 14.81 27.15
N SER D 50 4.58 15.69 27.26
CA SER D 50 5.61 15.78 26.24
C SER D 50 6.79 14.92 26.65
N PRO D 51 7.30 14.06 25.77
CA PRO D 51 8.37 13.14 26.17
C PRO D 51 9.61 13.87 26.66
N THR D 52 9.92 15.02 26.09
CA THR D 52 11.07 15.77 26.56
C THR D 52 10.84 16.45 27.90
N LYS D 53 9.62 16.43 28.42
CA LYS D 53 9.37 17.00 29.73
C LYS D 53 9.16 15.95 30.81
N LEU D 54 9.22 14.66 30.46
CA LEU D 54 8.98 13.62 31.44
C LEU D 54 10.05 13.63 32.53
N ASN D 55 11.26 14.07 32.21
CA ASN D 55 12.33 14.15 33.20
C ASN D 55 12.08 15.21 34.28
N ASP D 56 11.09 16.09 34.13
CA ASP D 56 10.94 17.26 34.99
C ASP D 56 10.13 17.01 36.26
N LEU D 57 9.59 15.81 36.44
CA LEU D 57 8.59 15.58 37.48
C LEU D 57 8.88 14.26 38.17
N CYS D 58 8.57 14.18 39.47
CA CYS D 58 8.47 12.88 40.12
C CYS D 58 7.02 12.44 40.12
N PHE D 59 6.77 11.25 39.58
CA PHE D 59 5.45 10.69 39.46
C PHE D 59 5.18 9.73 40.62
N THR D 60 3.89 9.55 40.89
CA THR D 60 3.39 8.67 41.92
C THR D 60 3.24 7.22 41.43
N ASN D 61 2.69 7.04 40.23
CA ASN D 61 2.48 5.73 39.64
C ASN D 61 2.91 5.79 38.18
N VAL D 62 3.83 4.92 37.79
CA VAL D 62 4.14 4.67 36.39
C VAL D 62 3.94 3.18 36.13
N TYR D 63 3.15 2.85 35.11
CA TYR D 63 2.91 1.48 34.69
C TYR D 63 3.44 1.28 33.29
N ALA D 64 4.02 0.12 33.06
CA ALA D 64 4.46 -0.28 31.72
C ALA D 64 3.70 -1.54 31.34
N ASP D 65 2.75 -1.39 30.41
CA ASP D 65 2.01 -2.50 29.84
C ASP D 65 2.69 -2.91 28.53
N SER D 66 2.80 -4.21 28.29
CA SER D 66 3.51 -4.67 27.12
C SER D 66 2.84 -5.93 26.55
N PHE D 67 2.94 -6.09 25.24
CA PHE D 67 2.25 -7.14 24.49
C PHE D 67 2.71 -7.04 23.04
N VAL D 68 2.28 -8.02 22.24
CA VAL D 68 2.57 -8.09 20.81
C VAL D 68 1.26 -8.05 20.03
N ILE D 69 1.25 -7.28 18.94
CA ILE D 69 0.14 -7.21 17.98
C ILE D 69 0.74 -7.08 16.59
N ARG D 70 -0.13 -7.11 15.57
CA ARG D 70 0.26 -6.89 14.18
C ARG D 70 0.62 -5.43 13.96
N GLY D 71 1.51 -5.19 12.99
CA GLY D 71 1.90 -3.80 12.71
C GLY D 71 0.73 -2.92 12.35
N ASP D 72 -0.24 -3.46 11.60
CA ASP D 72 -1.40 -2.67 11.21
C ASP D 72 -2.34 -2.35 12.36
N GLU D 73 -2.16 -2.97 13.54
CA GLU D 73 -3.01 -2.70 14.69
C GLU D 73 -2.40 -1.73 15.70
N VAL D 74 -1.15 -1.32 15.51
CA VAL D 74 -0.52 -0.37 16.44
C VAL D 74 -1.31 0.93 16.51
N ARG D 75 -1.89 1.35 15.37
CA ARG D 75 -2.72 2.55 15.37
C ARG D 75 -3.93 2.44 16.31
N GLN D 76 -4.34 1.22 16.69
CA GLN D 76 -5.43 1.04 17.64
C GLN D 76 -5.01 1.31 19.09
N ILE D 77 -3.71 1.33 19.36
CA ILE D 77 -3.23 1.60 20.72
C ILE D 77 -3.09 3.11 20.85
N ALA D 78 -4.24 3.78 20.91
CA ALA D 78 -4.31 5.23 21.01
C ALA D 78 -5.67 5.58 21.58
N PRO D 79 -5.80 6.72 22.26
CA PRO D 79 -7.12 7.12 22.77
C PRO D 79 -8.12 7.26 21.64
N GLY D 80 -9.34 6.82 21.90
CA GLY D 80 -10.43 7.09 20.99
C GLY D 80 -10.57 6.13 19.83
N GLN D 81 -9.82 5.03 19.81
CA GLN D 81 -9.83 4.12 18.66
C GLN D 81 -10.81 2.97 18.87
N THR D 82 -11.18 2.33 17.75
CA THR D 82 -11.99 1.12 17.74
C THR D 82 -11.32 0.08 16.85
N GLY D 83 -11.81 -1.15 16.94
CA GLY D 83 -11.23 -2.29 16.27
C GLY D 83 -11.11 -3.47 17.21
N LYS D 84 -10.69 -4.60 16.65
CA LYS D 84 -10.62 -5.83 17.45
C LYS D 84 -9.68 -5.66 18.64
N ILE D 85 -8.58 -4.94 18.47
CA ILE D 85 -7.64 -4.82 19.57
C ILE D 85 -8.14 -3.81 20.61
N ALA D 86 -8.52 -2.61 20.17
CA ALA D 86 -9.02 -1.60 21.12
C ALA D 86 -10.31 -2.07 21.78
N ASP D 87 -11.20 -2.72 21.03
CA ASP D 87 -12.50 -3.11 21.57
C ASP D 87 -12.40 -4.30 22.51
N TYR D 88 -11.60 -5.33 22.17
CA TYR D 88 -11.66 -6.61 22.88
C TYR D 88 -10.35 -7.05 23.54
N ASN D 89 -9.24 -6.31 23.37
CA ASN D 89 -7.97 -6.78 23.92
C ASN D 89 -7.26 -5.77 24.82
N TYR D 90 -7.04 -4.56 24.32
CA TYR D 90 -6.35 -3.55 25.13
C TYR D 90 -6.89 -2.17 24.80
N LYS D 91 -7.51 -1.52 25.79
CA LYS D 91 -8.24 -0.27 25.58
C LYS D 91 -7.60 0.87 26.39
N LEU D 92 -7.08 1.88 25.69
CA LEU D 92 -6.67 3.12 26.33
C LEU D 92 -7.88 4.01 26.60
N PRO D 93 -7.86 4.79 27.68
CA PRO D 93 -8.97 5.70 27.95
C PRO D 93 -8.94 6.90 27.00
N ASP D 94 -10.08 7.60 26.94
CA ASP D 94 -10.19 8.70 25.99
C ASP D 94 -9.23 9.83 26.30
N ASP D 95 -8.94 10.06 27.58
CA ASP D 95 -8.02 11.13 27.98
C ASP D 95 -6.76 10.55 28.62
N PHE D 96 -6.18 9.58 27.93
CA PHE D 96 -4.97 8.92 28.37
C PHE D 96 -3.84 9.93 28.66
N THR D 97 -3.05 9.64 29.70
CA THR D 97 -1.82 10.37 30.01
C THR D 97 -0.66 9.39 29.98
N GLY D 98 0.17 9.46 28.94
CA GLY D 98 1.27 8.52 28.82
C GLY D 98 1.76 8.47 27.39
N CYS D 99 2.56 7.42 27.11
CA CYS D 99 3.20 7.23 25.81
C CYS D 99 3.01 5.80 25.31
N VAL D 100 2.92 5.66 23.99
CA VAL D 100 2.81 4.37 23.31
C VAL D 100 4.06 4.21 22.46
N ILE D 101 4.80 3.12 22.70
CA ILE D 101 6.09 2.88 22.08
C ILE D 101 6.04 1.50 21.42
N ALA D 102 6.49 1.40 20.17
CA ALA D 102 6.40 0.13 19.47
C ALA D 102 7.58 -0.02 18.52
N TRP D 103 7.92 -1.27 18.22
CA TRP D 103 8.98 -1.59 17.27
C TRP D 103 8.70 -2.94 16.64
N ASN D 104 9.21 -3.11 15.42
CA ASN D 104 9.03 -4.35 14.68
C ASN D 104 9.85 -5.46 15.32
N SER D 105 9.19 -6.57 15.65
CA SER D 105 9.86 -7.70 16.31
C SER D 105 9.83 -8.95 15.44
N ASN D 106 9.79 -8.76 14.11
CA ASN D 106 9.73 -9.89 13.18
C ASN D 106 10.88 -10.86 13.42
N ASN D 107 12.07 -10.33 13.70
CA ASN D 107 13.23 -11.19 13.89
C ASN D 107 13.09 -12.09 15.12
N LEU D 108 12.29 -11.69 16.11
CA LEU D 108 12.14 -12.50 17.32
C LEU D 108 10.86 -13.31 17.35
N ASP D 109 9.75 -12.76 16.85
CA ASP D 109 8.43 -13.28 17.15
C ASP D 109 7.77 -14.03 16.00
N SER D 110 8.34 -14.01 14.81
CA SER D 110 7.80 -14.78 13.71
C SER D 110 8.60 -16.07 13.60
N LYS D 111 7.96 -17.11 13.06
CA LYS D 111 8.57 -18.43 12.90
C LYS D 111 8.23 -18.96 11.51
N VAL D 112 9.13 -19.78 10.97
CA VAL D 112 9.04 -20.14 9.56
C VAL D 112 7.74 -20.90 9.26
N GLY D 113 7.23 -21.67 10.22
CA GLY D 113 5.96 -22.31 9.97
C GLY D 113 4.77 -21.49 10.36
N GLY D 114 4.99 -20.24 10.76
CA GLY D 114 3.98 -19.48 11.45
C GLY D 114 4.15 -19.69 12.93
N ASN D 115 4.16 -18.60 13.69
CA ASN D 115 4.18 -18.66 15.15
C ASN D 115 2.76 -18.44 15.63
N TYR D 116 2.19 -19.44 16.30
CA TYR D 116 0.82 -19.38 16.78
C TYR D 116 0.77 -19.27 18.31
N ASN D 117 1.87 -18.89 18.94
CA ASN D 117 1.85 -18.65 20.38
C ASN D 117 1.26 -17.30 20.74
N TYR D 118 1.21 -16.35 19.82
CA TYR D 118 0.64 -15.03 20.13
C TYR D 118 -0.83 -15.03 19.71
N LEU D 119 -1.71 -14.71 20.65
CA LEU D 119 -3.15 -14.75 20.42
C LEU D 119 -3.77 -13.37 20.66
N TYR D 120 -4.95 -13.17 20.07
CA TYR D 120 -5.81 -12.06 20.42
C TYR D 120 -7.22 -12.61 20.60
N ARG D 121 -8.03 -11.88 21.36
CA ARG D 121 -9.44 -12.24 21.54
C ARG D 121 -10.22 -11.72 20.35
N LEU D 122 -10.94 -12.61 19.69
CA LEU D 122 -11.72 -12.27 18.51
C LEU D 122 -13.20 -12.10 18.82
N PHE D 123 -13.73 -12.93 19.72
CA PHE D 123 -15.14 -12.94 20.06
C PHE D 123 -15.34 -12.45 21.48
N ARG D 124 -16.14 -11.40 21.62
CA ARG D 124 -16.51 -10.84 22.92
C ARG D 124 -17.78 -10.01 22.71
N LYS D 125 -18.75 -10.17 23.60
CA LYS D 125 -20.05 -9.53 23.38
C LYS D 125 -20.04 -8.03 23.66
N SER D 126 -19.09 -7.51 24.42
CA SER D 126 -19.04 -6.07 24.66
C SER D 126 -17.59 -5.61 24.70
N ASN D 127 -17.41 -4.30 24.49
CA ASN D 127 -16.07 -3.72 24.48
C ASN D 127 -15.49 -3.68 25.89
N LEU D 128 -14.17 -3.73 25.96
CA LEU D 128 -13.45 -3.53 27.21
C LEU D 128 -13.56 -2.09 27.67
N LYS D 129 -13.65 -1.89 28.99
CA LYS D 129 -13.38 -0.59 29.58
C LYS D 129 -11.88 -0.32 29.52
N PRO D 130 -11.47 0.94 29.66
CA PRO D 130 -10.03 1.25 29.68
C PRO D 130 -9.25 0.43 30.71
N PHE D 131 -8.10 -0.10 30.30
CA PHE D 131 -7.20 -0.91 31.12
C PHE D 131 -7.85 -2.17 31.68
N GLU D 132 -8.96 -2.62 31.11
CA GLU D 132 -9.51 -3.91 31.50
C GLU D 132 -8.71 -5.02 30.83
N ARG D 133 -8.66 -6.18 31.49
CA ARG D 133 -7.97 -7.37 30.97
C ARG D 133 -8.91 -8.56 31.09
N ASP D 134 -9.13 -9.25 29.97
CA ASP D 134 -10.01 -10.42 29.92
C ASP D 134 -9.18 -11.60 29.44
N ILE D 135 -8.89 -12.54 30.33
CA ILE D 135 -8.10 -13.72 29.99
C ILE D 135 -8.95 -14.99 30.04
N SER D 136 -10.27 -14.86 30.07
CA SER D 136 -11.12 -16.05 30.09
C SER D 136 -11.05 -16.78 28.74
N THR D 137 -11.32 -18.08 28.79
CA THR D 137 -11.34 -18.94 27.60
C THR D 137 -12.66 -19.70 27.53
N GLU D 138 -13.77 -19.05 27.87
CA GLU D 138 -15.08 -19.69 27.81
C GLU D 138 -15.56 -19.79 26.37
N ILE D 139 -16.21 -20.89 26.02
CA ILE D 139 -16.73 -21.06 24.67
C ILE D 139 -17.77 -19.99 24.38
N TYR D 140 -17.65 -19.34 23.21
CA TYR D 140 -18.43 -18.15 22.90
C TYR D 140 -19.71 -18.52 22.13
N GLN D 141 -20.85 -18.14 22.67
CA GLN D 141 -22.14 -18.50 22.07
C GLN D 141 -22.50 -17.47 21.00
N ALA D 142 -22.43 -17.87 19.73
CA ALA D 142 -22.78 -16.99 18.62
C ALA D 142 -24.20 -17.21 18.12
N GLY D 143 -24.92 -18.18 18.65
CA GLY D 143 -26.27 -18.44 18.21
C GLY D 143 -27.22 -18.50 19.39
N SER D 144 -28.41 -19.07 19.20
CA SER D 144 -29.43 -19.08 20.25
C SER D 144 -29.35 -20.29 21.16
N THR D 145 -28.52 -21.26 20.83
CA THR D 145 -28.34 -22.47 21.60
C THR D 145 -27.14 -22.32 22.53
N PRO D 146 -27.26 -22.66 23.81
CA PRO D 146 -26.09 -22.56 24.70
C PRO D 146 -25.04 -23.59 24.33
N CYS D 147 -23.80 -23.27 24.64
CA CYS D 147 -22.65 -24.07 24.21
C CYS D 147 -22.23 -25.11 25.24
N ASN D 148 -22.42 -24.81 26.52
CA ASN D 148 -22.06 -25.72 27.61
C ASN D 148 -20.59 -26.13 27.54
N GLY D 149 -19.72 -25.19 27.19
CA GLY D 149 -18.30 -25.47 27.18
C GLY D 149 -17.81 -26.37 26.06
N VAL D 150 -18.62 -26.59 25.02
CA VAL D 150 -18.25 -27.47 23.91
C VAL D 150 -18.27 -26.67 22.61
N GLU D 151 -17.15 -26.67 21.90
CA GLU D 151 -17.12 -26.03 20.58
C GLU D 151 -17.99 -26.77 19.59
N GLY D 152 -18.52 -26.02 18.63
CA GLY D 152 -19.38 -26.58 17.60
C GLY D 152 -19.92 -25.45 16.75
N PHE D 153 -20.92 -25.77 15.94
CA PHE D 153 -21.51 -24.71 15.14
C PHE D 153 -22.07 -23.62 16.06
N ASN D 154 -21.72 -22.37 15.77
CA ASN D 154 -22.16 -21.21 16.55
C ASN D 154 -21.61 -21.24 17.98
N CYS D 155 -20.56 -22.02 18.25
CA CYS D 155 -20.00 -22.18 19.59
C CYS D 155 -18.48 -22.17 19.46
N TYR D 156 -17.86 -21.02 19.68
CA TYR D 156 -16.49 -20.79 19.21
C TYR D 156 -15.52 -20.52 20.36
N PHE D 157 -14.32 -21.09 20.24
CA PHE D 157 -13.22 -20.70 21.10
C PHE D 157 -12.95 -19.23 20.84
N PRO D 158 -12.83 -18.39 21.88
CA PRO D 158 -12.86 -16.94 21.66
C PRO D 158 -11.56 -16.32 21.19
N LEU D 159 -10.42 -17.01 21.34
CA LEU D 159 -9.11 -16.50 20.96
C LEU D 159 -8.68 -17.07 19.61
N GLN D 160 -7.87 -16.29 18.90
CA GLN D 160 -7.34 -16.64 17.59
C GLN D 160 -5.85 -16.34 17.58
N SER D 161 -5.06 -17.23 16.98
CA SER D 161 -3.62 -16.98 16.93
C SER D 161 -3.28 -16.08 15.74
N TYR D 162 -2.23 -15.28 15.92
CA TYR D 162 -1.75 -14.40 14.86
C TYR D 162 -1.02 -15.19 13.76
N GLY D 163 -0.26 -16.20 14.10
CA GLY D 163 0.46 -16.90 13.03
C GLY D 163 1.39 -15.98 12.24
N PHE D 164 2.44 -15.52 12.91
CA PHE D 164 3.41 -14.61 12.31
C PHE D 164 4.42 -15.39 11.49
N GLN D 165 4.47 -15.12 10.20
CA GLN D 165 5.48 -15.76 9.36
C GLN D 165 6.49 -14.71 8.90
N PRO D 166 7.75 -15.11 8.71
CA PRO D 166 8.78 -14.12 8.38
C PRO D 166 8.48 -13.33 7.11
N THR D 167 7.81 -13.94 6.15
CA THR D 167 7.56 -13.32 4.85
C THR D 167 6.30 -12.46 4.82
N ASN D 168 5.60 -12.32 5.95
CA ASN D 168 4.46 -11.42 6.03
C ASN D 168 4.84 -10.02 5.56
N GLY D 169 3.90 -9.33 4.92
CA GLY D 169 4.02 -7.90 4.81
C GLY D 169 4.16 -7.27 6.18
N VAL D 170 4.70 -6.04 6.20
CA VAL D 170 5.05 -5.43 7.48
C VAL D 170 3.80 -5.18 8.33
N GLY D 171 2.68 -4.85 7.70
CA GLY D 171 1.45 -4.66 8.45
C GLY D 171 0.97 -5.91 9.14
N TYR D 172 1.42 -7.09 8.69
CA TYR D 172 1.12 -8.37 9.30
C TYR D 172 2.29 -8.92 10.13
N GLN D 173 3.37 -8.17 10.27
CA GLN D 173 4.47 -8.63 11.10
C GLN D 173 4.23 -8.27 12.56
N PRO D 174 4.84 -9.02 13.48
CA PRO D 174 4.65 -8.72 14.90
C PRO D 174 5.37 -7.45 15.31
N TYR D 175 4.74 -6.69 16.21
CA TYR D 175 5.30 -5.48 16.78
C TYR D 175 5.18 -5.60 18.28
N ARG D 176 6.28 -5.39 18.98
CA ARG D 176 6.23 -5.33 20.43
C ARG D 176 5.84 -3.91 20.84
N VAL D 177 4.95 -3.80 21.82
CA VAL D 177 4.39 -2.53 22.25
C VAL D 177 4.62 -2.38 23.75
N VAL D 178 5.04 -1.18 24.17
CA VAL D 178 5.11 -0.81 25.58
C VAL D 178 4.28 0.46 25.76
N VAL D 179 3.29 0.41 26.65
CA VAL D 179 2.45 1.56 26.97
C VAL D 179 2.86 2.03 28.37
N LEU D 180 3.38 3.27 28.45
CA LEU D 180 3.79 3.88 29.71
C LEU D 180 2.69 4.82 30.17
N SER D 181 2.06 4.51 31.30
CA SER D 181 1.08 5.38 31.94
C SER D 181 1.73 6.16 33.06
N PHE D 182 1.43 7.45 33.14
CA PHE D 182 2.01 8.34 34.16
C PHE D 182 0.90 8.91 35.02
N GLU D 183 1.06 8.83 36.34
CA GLU D 183 0.08 9.39 37.23
C GLU D 183 0.77 10.13 38.36
N LEU D 184 0.15 11.22 38.80
CA LEU D 184 0.62 12.00 39.93
C LEU D 184 -0.60 12.21 40.82
N LEU D 185 -0.66 11.47 41.91
CA LEU D 185 -1.73 11.64 42.88
C LEU D 185 -1.18 12.28 44.16
N HIS D 186 -2.07 12.45 45.14
CA HIS D 186 -1.73 12.91 46.48
C HIS D 186 -1.13 11.74 47.26
N ALA D 187 0.11 11.41 46.92
CA ALA D 187 0.75 10.20 47.41
C ALA D 187 2.26 10.40 47.27
N PRO D 188 3.07 9.46 47.78
CA PRO D 188 4.52 9.54 47.53
C PRO D 188 4.83 9.47 46.04
N ALA D 189 5.62 10.44 45.58
CA ALA D 189 6.06 10.50 44.18
C ALA D 189 7.48 9.94 44.13
N THR D 190 7.57 8.65 43.83
CA THR D 190 8.83 7.91 43.95
C THR D 190 9.50 7.59 42.62
N VAL D 191 8.89 7.95 41.50
CA VAL D 191 9.44 7.68 40.17
C VAL D 191 9.92 9.00 39.60
N CYS D 192 11.23 9.20 39.57
CA CYS D 192 11.80 10.53 39.36
C CYS D 192 12.67 10.58 38.10
N GLY D 193 12.92 11.81 37.66
CA GLY D 193 13.90 12.06 36.63
C GLY D 193 15.30 12.07 37.19
N PRO D 194 16.28 12.36 36.32
CA PRO D 194 17.69 12.39 36.72
C PRO D 194 17.99 13.43 37.78
C1 NAG E . 6.63 -21.83 -21.32
C2 NAG E . 5.52 -22.22 -22.32
C3 NAG E . 4.44 -23.06 -21.64
C4 NAG E . 5.04 -24.24 -20.91
C5 NAG E . 6.01 -23.70 -19.87
C6 NAG E . 6.66 -24.78 -19.04
C7 NAG E . 4.59 -20.92 -24.20
C8 NAG E . 3.99 -19.61 -24.61
N2 NAG E . 4.93 -21.02 -22.91
O3 NAG E . 3.49 -23.52 -22.61
O4 NAG E . 4.02 -25.03 -20.29
O5 NAG E . 7.04 -23.00 -20.55
O6 NAG E . 7.42 -25.68 -19.83
O7 NAG E . 4.73 -21.85 -24.99
C1 NAG F . 18.04 -2.75 25.36
C2 NAG F . 18.19 -1.47 26.20
C3 NAG F . 19.02 -0.42 25.46
C4 NAG F . 20.36 -1.01 25.02
C5 NAG F . 20.10 -2.23 24.14
C6 NAG F . 21.38 -2.89 23.66
C7 NAG F . 16.59 -0.48 27.77
C8 NAG F . 15.19 0.06 27.96
N2 NAG F . 16.88 -0.93 26.55
O3 NAG F . 19.24 0.70 26.32
O4 NAG F . 21.12 -0.05 24.30
O5 NAG F . 19.36 -3.20 24.89
O6 NAG F . 21.64 -4.11 24.34
O7 NAG F . 17.40 -0.50 28.68
#